data_2PGC
#
_entry.id   2PGC
#
_cell.length_a   137.475
_cell.length_b   139.935
_cell.length_c   60.785
_cell.angle_alpha   90.000
_cell.angle_beta   90.000
_cell.angle_gamma   90.000
#
_symmetry.space_group_name_H-M   'P 21 21 2'
#
loop_
_entity.id
_entity.type
_entity.pdbx_description
1 polymer 'uncharacterized protein'
2 non-polymer 'CHLORIDE ION'
3 water water
#
_entity_poly.entity_id   1
_entity_poly.type   'polypeptide(L)'
_entity_poly.pdbx_seq_one_letter_code
;G(MSE)SNINYVILTVASVDFSYRET(MSE)ARL(MSE)SSYSKDLIDNAGAKGTRFGSIGTGDHAGSLIFIQFYDDLTG
YQKALEIQSKSSVFKEI(MSE)DSGKANIYLRNISTSLPTKFEQSYEHPKYIVLTRAEAA(MSE)SDKDKFLNCINDTAS
CFKDNGALTLRFGNLLTGSNVGNYLLGVGYPS(MSE)EAIEKTYDELLAHSSYKEL(MSE)TFAKVN(MSE)RNIIKIL
;
_entity_poly.pdbx_strand_id   A,B,C,D,E
#
loop_
_chem_comp.id
_chem_comp.type
_chem_comp.name
_chem_comp.formula
CL non-polymer 'CHLORIDE ION' 'Cl -1'
#
# COMPACT_ATOMS: atom_id res chain seq x y z
C GLY A 1 -27.20 -14.35 -21.78
N MSE A 2 -26.37 -14.60 -22.78
CA MSE A 2 -25.06 -13.93 -22.89
C MSE A 2 -25.25 -12.43 -23.12
O MSE A 2 -24.77 -11.59 -22.38
CB MSE A 2 -24.24 -14.54 -24.03
CG MSE A 2 -22.96 -13.75 -24.38
SE MSE A 2 -21.73 -13.47 -22.85
CE MSE A 2 -20.97 -11.69 -23.42
N SER A 3 -25.94 -12.10 -24.21
CA SER A 3 -26.28 -10.72 -24.49
C SER A 3 -27.44 -10.23 -23.62
N ASN A 4 -27.85 -11.04 -22.64
CA ASN A 4 -28.70 -10.55 -21.53
C ASN A 4 -27.88 -9.79 -20.48
N ILE A 5 -26.56 -9.92 -20.56
CA ILE A 5 -25.65 -9.17 -19.71
C ILE A 5 -25.53 -7.74 -20.22
N ASN A 6 -25.49 -6.81 -19.28
CA ASN A 6 -25.23 -5.40 -19.58
C ASN A 6 -23.92 -4.99 -18.91
N TYR A 7 -23.53 -3.73 -19.09
CA TYR A 7 -22.24 -3.28 -18.62
C TYR A 7 -22.36 -1.92 -17.94
N VAL A 8 -21.52 -1.71 -16.93
CA VAL A 8 -21.48 -0.50 -16.13
C VAL A 8 -20.04 0.02 -16.08
N ILE A 9 -19.86 1.30 -16.41
CA ILE A 9 -18.55 1.94 -16.32
C ILE A 9 -18.60 2.84 -15.10
N LEU A 10 -17.58 2.73 -14.24
CA LEU A 10 -17.50 3.59 -13.06
C LEU A 10 -16.20 4.36 -13.11
N THR A 11 -16.30 5.68 -13.03
CA THR A 11 -15.13 6.55 -13.06
C THR A 11 -15.10 7.39 -11.82
N VAL A 12 -13.91 7.53 -11.23
CA VAL A 12 -13.74 8.28 -9.98
C VAL A 12 -12.64 9.33 -10.15
N ALA A 13 -12.94 10.57 -9.77
CA ALA A 13 -11.99 11.67 -9.94
C ALA A 13 -11.96 12.51 -8.68
N SER A 14 -10.78 13.01 -8.35
CA SER A 14 -10.68 13.99 -7.29
C SER A 14 -10.85 15.38 -7.94
N VAL A 15 -11.62 16.24 -7.28
CA VAL A 15 -12.06 17.51 -7.85
C VAL A 15 -11.97 18.57 -6.78
N ASP A 16 -11.45 19.74 -7.14
CA ASP A 16 -11.36 20.85 -6.19
C ASP A 16 -12.76 21.17 -5.70
N PHE A 17 -12.90 21.45 -4.43
CA PHE A 17 -14.23 21.65 -3.84
C PHE A 17 -15.01 22.76 -4.56
N SER A 18 -14.32 23.83 -4.93
CA SER A 18 -14.95 24.97 -5.58
C SER A 18 -15.55 24.64 -6.94
N TYR A 19 -14.97 23.68 -7.64
CA TYR A 19 -15.38 23.34 -8.99
C TYR A 19 -16.52 22.31 -9.02
N ARG A 20 -16.92 21.81 -7.86
CA ARG A 20 -17.85 20.69 -7.83
CA ARG A 20 -17.89 20.70 -7.75
C ARG A 20 -19.25 21.00 -8.39
N GLU A 21 -19.76 22.21 -8.17
CA GLU A 21 -21.07 22.55 -8.71
C GLU A 21 -21.00 22.75 -10.23
N THR A 22 -20.00 23.49 -10.69
CA THR A 22 -19.72 23.67 -12.11
C THR A 22 -19.63 22.33 -12.81
N MSE A 23 -18.86 21.43 -12.20
CA MSE A 23 -18.67 20.08 -12.72
C MSE A 23 -19.97 19.32 -12.94
O MSE A 23 -20.17 18.71 -13.99
CB MSE A 23 -17.79 19.29 -11.76
CG MSE A 23 -17.51 17.85 -12.16
SE MSE A 23 -15.77 17.57 -12.92
CE MSE A 23 -15.75 15.66 -13.06
N ALA A 24 -20.86 19.35 -11.95
CA ALA A 24 -22.15 18.67 -12.06
C ALA A 24 -22.99 19.21 -13.22
N ARG A 25 -22.93 20.52 -13.43
CA ARG A 25 -23.68 21.12 -14.51
C ARG A 25 -23.06 20.75 -15.86
N LEU A 26 -21.74 20.80 -15.98
CA LEU A 26 -21.06 20.33 -17.17
C LEU A 26 -21.42 18.87 -17.46
N MSE A 27 -21.43 18.07 -16.40
CA MSE A 27 -21.64 16.63 -16.55
C MSE A 27 -23.03 16.24 -17.01
O MSE A 27 -23.16 15.26 -17.72
CB MSE A 27 -21.25 15.88 -15.26
CG MSE A 27 -19.73 15.72 -15.05
SE MSE A 27 -18.73 14.83 -16.52
CE MSE A 27 -19.39 12.98 -16.26
N SER A 28 -24.05 16.99 -16.62
CA SER A 28 -25.39 16.69 -17.11
C SER A 28 -25.49 16.96 -18.62
N SER A 29 -24.75 17.95 -19.10
CA SER A 29 -24.65 18.23 -20.54
C SER A 29 -23.98 17.04 -21.21
N TYR A 30 -22.83 16.66 -20.67
CA TYR A 30 -22.10 15.50 -21.18
C TYR A 30 -22.93 14.22 -21.14
N SER A 31 -23.78 14.07 -20.12
CA SER A 31 -24.67 12.92 -20.03
C SER A 31 -25.69 12.89 -21.18
N LYS A 32 -26.35 14.03 -21.43
CA LYS A 32 -27.31 14.14 -22.54
C LYS A 32 -26.64 13.63 -23.81
N ASP A 33 -25.42 14.08 -24.05
CA ASP A 33 -24.63 13.70 -25.21
C ASP A 33 -24.49 12.18 -25.31
N LEU A 34 -24.13 11.54 -24.20
CA LEU A 34 -23.96 10.09 -24.20
C LEU A 34 -25.27 9.34 -24.36
N ILE A 35 -26.32 9.83 -23.70
CA ILE A 35 -27.64 9.19 -23.78
C ILE A 35 -28.18 9.26 -25.22
N ASP A 36 -28.06 10.43 -25.84
CA ASP A 36 -28.59 10.65 -27.20
C ASP A 36 -27.72 10.08 -28.32
N ASN A 37 -26.39 10.14 -28.18
CA ASN A 37 -25.46 9.76 -29.26
C ASN A 37 -24.67 8.47 -29.07
N ALA A 38 -24.39 8.11 -27.83
CA ALA A 38 -23.64 6.90 -27.55
C ALA A 38 -24.56 5.70 -27.25
N GLY A 39 -25.86 5.95 -27.08
CA GLY A 39 -26.81 4.91 -26.71
C GLY A 39 -26.75 4.51 -25.24
N ALA A 40 -26.21 5.39 -24.40
CA ALA A 40 -26.13 5.15 -22.97
C ALA A 40 -27.53 5.02 -22.42
N LYS A 41 -27.77 4.00 -21.61
CA LYS A 41 -29.08 3.73 -21.03
C LYS A 41 -29.19 4.38 -19.65
N GLY A 42 -28.68 5.60 -19.52
CA GLY A 42 -28.68 6.31 -18.24
C GLY A 42 -27.28 6.58 -17.73
N THR A 43 -27.17 7.59 -16.87
CA THR A 43 -25.95 7.89 -16.14
C THR A 43 -26.28 8.33 -14.73
N ARG A 44 -25.29 8.28 -13.85
CA ARG A 44 -25.41 8.83 -12.51
C ARG A 44 -24.13 9.57 -12.17
N PHE A 45 -24.26 10.68 -11.48
CA PHE A 45 -23.12 11.49 -11.08
C PHE A 45 -23.34 11.94 -9.66
N GLY A 46 -22.31 11.76 -8.84
CA GLY A 46 -22.44 12.05 -7.42
C GLY A 46 -21.13 12.19 -6.72
N SER A 47 -21.21 12.48 -5.43
CA SER A 47 -20.02 12.57 -4.58
C SER A 47 -19.94 11.34 -3.70
N ILE A 48 -18.76 10.75 -3.56
CA ILE A 48 -18.59 9.59 -2.66
C ILE A 48 -18.60 10.16 -1.24
N GLY A 49 -19.56 9.72 -0.43
CA GLY A 49 -19.74 10.28 0.91
C GLY A 49 -18.91 9.62 1.99
N THR A 50 -18.41 8.41 1.75
CA THR A 50 -17.76 7.65 2.79
C THR A 50 -16.48 6.96 2.31
N GLY A 51 -15.74 6.37 3.26
CA GLY A 51 -14.53 5.63 2.94
C GLY A 51 -13.34 6.55 2.72
N ASP A 52 -12.25 5.96 2.22
CA ASP A 52 -10.99 6.73 2.02
C ASP A 52 -11.06 7.65 0.79
N HIS A 53 -12.03 7.43 -0.09
CA HIS A 53 -12.27 8.31 -1.24
C HIS A 53 -13.38 9.32 -0.97
N ALA A 54 -13.72 9.54 0.29
CA ALA A 54 -14.76 10.52 0.65
C ALA A 54 -14.40 11.85 0.01
N GLY A 55 -15.35 12.48 -0.68
CA GLY A 55 -15.08 13.75 -1.33
C GLY A 55 -14.71 13.65 -2.81
N SER A 56 -14.28 12.48 -3.28
CA SER A 56 -14.12 12.29 -4.69
C SER A 56 -15.50 12.23 -5.35
N LEU A 57 -15.53 12.54 -6.64
CA LEU A 57 -16.76 12.48 -7.41
C LEU A 57 -16.72 11.20 -8.23
N ILE A 58 -17.90 10.63 -8.51
CA ILE A 58 -18.02 9.38 -9.24
C ILE A 58 -19.06 9.54 -10.36
N PHE A 59 -18.78 8.96 -11.52
CA PHE A 59 -19.65 9.01 -12.68
C PHE A 59 -19.94 7.59 -13.09
N ILE A 60 -21.21 7.24 -13.28
CA ILE A 60 -21.60 5.86 -13.60
C ILE A 60 -22.36 5.85 -14.94
N GLN A 61 -21.96 4.97 -15.85
CA GLN A 61 -22.55 4.89 -17.17
C GLN A 61 -23.12 3.50 -17.37
N PHE A 62 -24.31 3.39 -17.94
CA PHE A 62 -24.93 2.10 -18.24
C PHE A 62 -25.01 1.84 -19.76
N TYR A 63 -24.50 0.68 -20.20
CA TYR A 63 -24.57 0.30 -21.60
C TYR A 63 -25.03 -1.16 -21.73
N ASP A 64 -25.81 -1.42 -22.77
CA ASP A 64 -26.25 -2.77 -23.08
C ASP A 64 -25.13 -3.61 -23.67
N ASP A 65 -24.21 -2.93 -24.34
CA ASP A 65 -23.09 -3.57 -25.02
C ASP A 65 -21.86 -2.71 -24.87
N LEU A 66 -20.68 -3.33 -24.98
CA LEU A 66 -19.43 -2.59 -24.96
C LEU A 66 -19.24 -1.72 -26.20
N THR A 67 -19.94 -2.03 -27.29
CA THR A 67 -19.98 -1.15 -28.47
C THR A 67 -20.47 0.23 -28.07
N GLY A 68 -21.49 0.26 -27.22
CA GLY A 68 -21.98 1.52 -26.65
C GLY A 68 -20.87 2.34 -26.02
N TYR A 69 -20.05 1.68 -25.20
CA TYR A 69 -18.96 2.41 -24.53
C TYR A 69 -17.92 2.88 -25.56
N GLN A 70 -17.69 2.10 -26.59
CA GLN A 70 -16.76 2.53 -27.66
C GLN A 70 -17.25 3.77 -28.39
N LYS A 71 -18.56 3.88 -28.62
CA LYS A 71 -19.14 5.08 -29.20
C LYS A 71 -18.96 6.24 -28.23
N ALA A 72 -19.17 5.97 -26.95
CA ALA A 72 -18.96 6.96 -25.89
C ALA A 72 -17.54 7.52 -25.92
N LEU A 73 -16.55 6.64 -26.09
CA LEU A 73 -15.16 7.07 -26.21
C LEU A 73 -14.94 7.99 -27.41
N GLU A 74 -15.63 7.71 -28.52
CA GLU A 74 -15.55 8.57 -29.72
C GLU A 74 -16.25 9.93 -29.47
N ILE A 75 -17.31 9.94 -28.66
CA ILE A 75 -17.97 11.19 -28.26
C ILE A 75 -17.05 12.09 -27.39
N GLN A 76 -16.25 11.48 -26.52
CA GLN A 76 -15.31 12.24 -25.67
C GLN A 76 -14.37 13.09 -26.47
N SER A 77 -13.66 12.44 -27.39
CA SER A 77 -12.67 13.09 -28.23
C SER A 77 -13.21 14.35 -28.92
N LYS A 78 -14.49 14.34 -29.27
CA LYS A 78 -15.12 15.47 -29.97
C LYS A 78 -15.81 16.47 -29.01
N SER A 79 -16.00 16.12 -27.73
CA SER A 79 -16.80 16.95 -26.80
C SER A 79 -16.04 18.13 -26.20
N SER A 80 -16.63 19.32 -26.37
CA SER A 80 -16.10 20.56 -25.81
C SER A 80 -16.23 20.57 -24.29
N VAL A 81 -17.38 20.13 -23.80
CA VAL A 81 -17.63 20.00 -22.34
C VAL A 81 -16.54 19.15 -21.69
N PHE A 82 -16.23 18.01 -22.29
CA PHE A 82 -15.18 17.15 -21.76
C PHE A 82 -13.80 17.80 -21.83
N LYS A 83 -13.50 18.47 -22.94
CA LYS A 83 -12.24 19.16 -23.08
C LYS A 83 -12.07 20.22 -21.98
N GLU A 84 -13.13 20.99 -21.72
CA GLU A 84 -13.11 22.05 -20.72
C GLU A 84 -12.75 21.50 -19.33
N ILE A 85 -13.38 20.40 -18.96
CA ILE A 85 -13.14 19.78 -17.66
C ILE A 85 -11.67 19.39 -17.54
N MSE A 86 -11.13 18.77 -18.58
CA MSE A 86 -9.75 18.32 -18.58
C MSE A 86 -8.77 19.49 -18.60
O MSE A 86 -7.75 19.46 -17.91
CB MSE A 86 -9.49 17.40 -19.80
CG MSE A 86 -10.29 16.09 -19.79
SE MSE A 86 -10.05 15.12 -18.11
CE MSE A 86 -11.97 14.42 -17.78
N ASP A 87 -9.08 20.52 -19.38
CA ASP A 87 -8.23 21.71 -19.47
C ASP A 87 -8.28 22.57 -18.19
N SER A 88 -9.30 22.35 -17.36
CA SER A 88 -9.47 23.15 -16.14
C SER A 88 -8.32 22.93 -15.16
N GLY A 89 -7.76 21.73 -15.17
CA GLY A 89 -6.78 21.36 -14.16
C GLY A 89 -7.40 21.16 -12.78
N LYS A 90 -8.73 21.15 -12.72
CA LYS A 90 -9.46 21.04 -11.45
C LYS A 90 -10.05 19.65 -11.20
N ALA A 91 -9.95 18.76 -12.19
CA ALA A 91 -10.48 17.42 -12.09
C ALA A 91 -9.39 16.41 -12.47
N ASN A 92 -9.18 15.41 -11.62
CA ASN A 92 -8.20 14.37 -11.86
C ASN A 92 -8.81 12.97 -11.80
N ILE A 93 -9.01 12.31 -12.95
CA ILE A 93 -9.55 10.96 -12.99
C ILE A 93 -8.46 10.04 -12.53
N TYR A 94 -8.70 9.29 -11.46
CA TYR A 94 -7.67 8.38 -10.96
C TYR A 94 -8.09 6.90 -10.88
N LEU A 95 -9.33 6.62 -11.26
CA LEU A 95 -9.81 5.27 -11.30
C LEU A 95 -10.93 5.16 -12.34
N ARG A 96 -10.88 4.12 -13.17
CA ARG A 96 -12.03 3.74 -14.00
C ARG A 96 -12.07 2.25 -14.18
N ASN A 97 -13.21 1.66 -13.90
CA ASN A 97 -13.35 0.22 -14.12
C ASN A 97 -14.72 -0.12 -14.68
N ILE A 98 -14.80 -1.31 -15.29
CA ILE A 98 -16.01 -1.79 -15.97
C ILE A 98 -16.55 -2.99 -15.22
N SER A 99 -17.87 -3.06 -15.03
CA SER A 99 -18.54 -4.17 -14.36
C SER A 99 -19.61 -4.80 -15.24
N THR A 100 -19.86 -6.09 -15.11
CA THR A 100 -21.03 -6.67 -15.75
C THR A 100 -22.24 -6.28 -14.93
N SER A 101 -23.42 -6.35 -15.55
CA SER A 101 -24.68 -6.20 -14.84
C SER A 101 -25.56 -7.38 -15.23
N LEU A 102 -25.82 -8.26 -14.28
CA LEU A 102 -26.51 -9.49 -14.55
C LEU A 102 -28.00 -9.35 -14.22
N PRO A 103 -28.87 -10.09 -14.93
CA PRO A 103 -30.31 -10.15 -14.66
C PRO A 103 -30.63 -10.57 -13.22
N THR A 104 -31.45 -9.77 -12.55
CA THR A 104 -31.93 -10.06 -11.20
C THR A 104 -33.43 -9.98 -11.14
N LYS A 105 -34.00 -10.73 -10.20
CA LYS A 105 -35.44 -10.76 -10.01
C LYS A 105 -35.84 -9.61 -9.10
N PHE A 106 -35.75 -8.38 -9.58
CA PHE A 106 -36.01 -7.20 -8.74
C PHE A 106 -36.80 -6.18 -9.54
N GLU A 107 -37.83 -5.61 -8.93
CA GLU A 107 -38.70 -4.65 -9.63
C GLU A 107 -38.05 -3.27 -9.71
N GLN A 108 -37.48 -2.94 -10.86
CA GLN A 108 -36.78 -1.67 -11.05
C GLN A 108 -37.76 -0.50 -11.07
N SER A 109 -37.39 0.59 -10.42
CA SER A 109 -38.14 1.85 -10.48
C SER A 109 -37.42 2.85 -11.37
N TYR A 110 -38.19 3.79 -11.93
CA TYR A 110 -37.66 4.83 -12.81
C TYR A 110 -37.29 6.11 -12.04
N GLU A 111 -37.62 6.12 -10.75
CA GLU A 111 -37.33 7.25 -9.88
C GLU A 111 -35.82 7.48 -9.76
N HIS A 112 -35.39 8.70 -10.07
CA HIS A 112 -34.00 9.08 -9.88
C HIS A 112 -33.69 8.97 -8.39
N PRO A 113 -32.67 8.17 -8.05
CA PRO A 113 -32.33 8.03 -6.64
C PRO A 113 -31.61 9.28 -6.12
N LYS A 114 -31.68 9.47 -4.81
CA LYS A 114 -30.90 10.53 -4.15
C LYS A 114 -29.58 9.96 -3.60
N TYR A 115 -29.56 8.67 -3.23
CA TYR A 115 -28.32 7.98 -2.80
C TYR A 115 -28.15 6.63 -3.47
N ILE A 116 -26.90 6.24 -3.68
CA ILE A 116 -26.56 4.88 -4.11
C ILE A 116 -25.59 4.24 -3.11
N VAL A 117 -25.83 2.99 -2.75
CA VAL A 117 -24.88 2.22 -1.93
C VAL A 117 -24.20 1.22 -2.86
N LEU A 118 -22.87 1.28 -2.93
CA LEU A 118 -22.08 0.28 -3.65
C LEU A 118 -21.50 -0.62 -2.60
N THR A 119 -21.60 -1.92 -2.84
CA THR A 119 -20.99 -2.92 -1.99
C THR A 119 -20.16 -3.82 -2.88
N ARG A 120 -18.97 -4.20 -2.39
CA ARG A 120 -18.06 -5.02 -3.16
C ARG A 120 -17.62 -6.19 -2.30
N ALA A 121 -17.59 -7.38 -2.89
CA ALA A 121 -17.30 -8.59 -2.13
C ALA A 121 -16.40 -9.54 -2.91
N GLU A 122 -15.68 -10.37 -2.15
CA GLU A 122 -14.79 -11.39 -2.69
C GLU A 122 -15.48 -12.74 -2.52
N ALA A 123 -15.52 -13.54 -3.57
CA ALA A 123 -16.13 -14.88 -3.52
C ALA A 123 -15.63 -15.69 -4.69
N ALA A 124 -15.62 -17.01 -4.57
CA ALA A 124 -15.22 -17.88 -5.69
C ALA A 124 -16.15 -17.64 -6.89
N MSE A 125 -15.62 -17.77 -8.10
CA MSE A 125 -16.45 -17.67 -9.33
C MSE A 125 -17.41 -18.86 -9.40
O MSE A 125 -18.46 -18.78 -10.04
CB MSE A 125 -15.62 -17.57 -10.63
CG MSE A 125 -15.16 -16.13 -11.05
SE MSE A 125 -16.55 -14.68 -11.35
CE MSE A 125 -17.04 -14.97 -13.33
N SER A 126 -17.03 -19.97 -8.76
CA SER A 126 -17.89 -21.16 -8.68
C SER A 126 -19.10 -20.96 -7.77
N ASP A 127 -19.09 -19.92 -6.93
CA ASP A 127 -20.24 -19.58 -6.12
C ASP A 127 -21.16 -18.56 -6.81
N LYS A 128 -20.93 -18.28 -8.10
CA LYS A 128 -21.67 -17.20 -8.76
C LYS A 128 -23.19 -17.38 -8.68
N ASP A 129 -23.66 -18.61 -8.77
CA ASP A 129 -25.10 -18.88 -8.78
C ASP A 129 -25.72 -18.84 -7.39
N LYS A 130 -25.02 -19.40 -6.40
CA LYS A 130 -25.42 -19.25 -5.00
C LYS A 130 -25.59 -17.76 -4.68
N PHE A 131 -24.62 -16.97 -5.14
CA PHE A 131 -24.62 -15.53 -4.94
C PHE A 131 -25.87 -14.89 -5.52
N LEU A 132 -26.14 -15.18 -6.79
CA LEU A 132 -27.30 -14.59 -7.48
C LEU A 132 -28.61 -15.01 -6.80
N ASN A 133 -28.68 -16.25 -6.30
CA ASN A 133 -29.86 -16.72 -5.57
C ASN A 133 -30.13 -15.94 -4.31
N CYS A 134 -29.09 -15.71 -3.53
CA CYS A 134 -29.22 -14.90 -2.32
C CYS A 134 -29.72 -13.50 -2.64
N ILE A 135 -29.12 -12.88 -3.65
CA ILE A 135 -29.55 -11.55 -4.09
C ILE A 135 -31.02 -11.57 -4.47
N ASN A 136 -31.47 -12.61 -5.18
CA ASN A 136 -32.88 -12.73 -5.55
C ASN A 136 -33.79 -13.08 -4.35
N ASP A 137 -33.28 -13.85 -3.40
CA ASP A 137 -34.07 -14.21 -2.20
C ASP A 137 -34.29 -13.03 -1.27
N THR A 138 -33.39 -12.05 -1.31
CA THR A 138 -33.53 -10.84 -0.49
C THR A 138 -34.07 -9.64 -1.25
N ALA A 139 -34.46 -9.81 -2.51
CA ALA A 139 -34.94 -8.69 -3.32
C ALA A 139 -36.05 -7.91 -2.62
N SER A 140 -36.90 -8.61 -1.86
CA SER A 140 -38.01 -7.98 -1.16
C SER A 140 -37.54 -7.10 -0.01
N CYS A 141 -36.45 -7.48 0.66
CA CYS A 141 -35.87 -6.65 1.72
C CYS A 141 -35.67 -5.24 1.24
N PHE A 142 -35.16 -5.14 0.02
CA PHE A 142 -34.83 -3.87 -0.57
C PHE A 142 -36.10 -3.14 -1.03
N LYS A 143 -36.91 -3.80 -1.86
CA LYS A 143 -38.08 -3.17 -2.46
C LYS A 143 -39.03 -2.73 -1.38
N ASP A 144 -39.28 -3.62 -0.40
CA ASP A 144 -40.17 -3.34 0.73
C ASP A 144 -39.80 -2.09 1.49
N ASN A 145 -38.50 -1.90 1.69
CA ASN A 145 -38.03 -0.82 2.54
C ASN A 145 -37.66 0.44 1.80
N GLY A 146 -37.96 0.50 0.50
CA GLY A 146 -37.85 1.74 -0.27
C GLY A 146 -36.81 1.79 -1.38
N ALA A 147 -36.03 0.71 -1.56
CA ALA A 147 -34.99 0.67 -2.60
C ALA A 147 -35.62 0.87 -3.96
N LEU A 148 -34.95 1.63 -4.82
CA LEU A 148 -35.48 1.97 -6.13
C LEU A 148 -34.93 1.06 -7.21
N THR A 149 -33.61 0.90 -7.25
CA THR A 149 -32.93 0.08 -8.27
C THR A 149 -31.93 -0.85 -7.62
N LEU A 150 -31.68 -1.97 -8.30
CA LEU A 150 -30.68 -2.93 -7.88
C LEU A 150 -29.97 -3.51 -9.08
N ARG A 151 -28.65 -3.38 -9.09
CA ARG A 151 -27.80 -3.96 -10.12
C ARG A 151 -26.67 -4.73 -9.46
N PHE A 152 -26.26 -5.82 -10.10
CA PHE A 152 -25.36 -6.79 -9.51
C PHE A 152 -24.50 -7.45 -10.61
N GLY A 153 -23.23 -7.64 -10.33
CA GLY A 153 -22.34 -8.26 -11.29
C GLY A 153 -20.92 -8.39 -10.76
N ASN A 154 -19.98 -8.54 -11.68
CA ASN A 154 -18.57 -8.67 -11.35
C ASN A 154 -17.72 -7.61 -12.03
N LEU A 155 -16.72 -7.10 -11.32
CA LEU A 155 -15.76 -6.21 -11.91
C LEU A 155 -14.98 -7.00 -12.98
N LEU A 156 -15.01 -6.50 -14.22
CA LEU A 156 -14.23 -7.06 -15.31
C LEU A 156 -12.81 -6.55 -15.36
N THR A 157 -12.56 -5.38 -14.80
CA THR A 157 -11.25 -4.75 -14.90
C THR A 157 -10.75 -4.28 -13.54
N GLY A 158 -9.46 -3.96 -13.47
CA GLY A 158 -8.90 -3.29 -12.31
C GLY A 158 -8.24 -4.19 -11.30
N SER A 159 -7.75 -3.59 -10.23
CA SER A 159 -7.06 -4.35 -9.18
C SER A 159 -8.03 -5.15 -8.33
N ASN A 160 -9.34 -4.95 -8.45
CA ASN A 160 -10.31 -5.85 -7.80
C ASN A 160 -11.07 -6.69 -8.81
N VAL A 161 -10.45 -6.95 -9.96
CA VAL A 161 -11.09 -7.74 -10.99
C VAL A 161 -11.59 -9.04 -10.39
N GLY A 162 -12.82 -9.41 -10.72
CA GLY A 162 -13.43 -10.64 -10.21
C GLY A 162 -14.32 -10.41 -9.03
N ASN A 163 -14.07 -9.37 -8.22
CA ASN A 163 -14.96 -9.10 -7.07
C ASN A 163 -16.38 -8.94 -7.56
N TYR A 164 -17.34 -9.37 -6.74
CA TYR A 164 -18.75 -9.10 -7.02
C TYR A 164 -19.01 -7.68 -6.60
N LEU A 165 -19.94 -7.01 -7.29
CA LEU A 165 -20.27 -5.63 -7.03
C LEU A 165 -21.77 -5.46 -7.02
N LEU A 166 -22.30 -4.79 -6.00
CA LEU A 166 -23.73 -4.56 -5.91
C LEU A 166 -23.96 -3.04 -5.83
N GLY A 167 -24.90 -2.56 -6.63
CA GLY A 167 -25.30 -1.15 -6.58
C GLY A 167 -26.79 -1.01 -6.35
N VAL A 168 -27.19 -0.26 -5.33
CA VAL A 168 -28.60 -0.11 -4.97
C VAL A 168 -28.95 1.35 -4.82
N GLY A 169 -30.02 1.77 -5.48
CA GLY A 169 -30.48 3.15 -5.41
C GLY A 169 -31.55 3.33 -4.34
N TYR A 170 -31.50 4.47 -3.67
CA TYR A 170 -32.42 4.77 -2.57
C TYR A 170 -32.90 6.21 -2.67
N PRO A 171 -34.09 6.49 -2.13
CA PRO A 171 -34.65 7.83 -2.12
C PRO A 171 -34.20 8.65 -0.94
N SER A 172 -33.71 7.97 0.11
CA SER A 172 -33.34 8.62 1.36
C SER A 172 -32.46 7.69 2.19
N MSE A 173 -31.82 8.28 3.20
CA MSE A 173 -31.02 7.51 4.11
C MSE A 173 -31.87 6.66 5.05
O MSE A 173 -31.46 5.57 5.46
CB MSE A 173 -30.04 8.43 4.85
CG MSE A 173 -28.91 8.93 3.91
SE MSE A 173 -27.37 9.64 4.81
CE MSE A 173 -26.87 11.02 3.55
N GLU A 174 -33.08 7.14 5.38
CA GLU A 174 -33.99 6.33 6.17
C GLU A 174 -34.23 5.01 5.47
N ALA A 175 -34.42 5.03 4.15
CA ALA A 175 -34.67 3.79 3.40
C ALA A 175 -33.47 2.84 3.51
N ILE A 176 -32.24 3.39 3.51
CA ILE A 176 -31.05 2.57 3.68
C ILE A 176 -31.08 1.92 5.06
N GLU A 177 -31.33 2.72 6.11
CA GLU A 177 -31.41 2.19 7.47
C GLU A 177 -32.43 1.05 7.59
N LYS A 178 -33.64 1.25 7.07
CA LYS A 178 -34.68 0.23 7.19
C LYS A 178 -34.31 -1.00 6.37
N THR A 179 -33.71 -0.80 5.19
CA THR A 179 -33.27 -1.94 4.37
C THR A 179 -32.26 -2.78 5.15
N TYR A 180 -31.26 -2.13 5.73
CA TYR A 180 -30.21 -2.88 6.42
C TYR A 180 -30.68 -3.48 7.75
N ASP A 181 -31.64 -2.84 8.42
CA ASP A 181 -32.27 -3.45 9.59
C ASP A 181 -32.85 -4.83 9.21
N GLU A 182 -33.57 -4.91 8.10
CA GLU A 182 -34.15 -6.19 7.69
C GLU A 182 -33.12 -7.15 7.11
N LEU A 183 -32.26 -6.63 6.25
CA LEU A 183 -31.31 -7.45 5.50
C LEU A 183 -30.37 -8.24 6.41
N LEU A 184 -29.80 -7.57 7.41
CA LEU A 184 -28.83 -8.20 8.31
C LEU A 184 -29.46 -9.33 9.15
N ALA A 185 -30.79 -9.30 9.33
CA ALA A 185 -31.51 -10.37 10.04
C ALA A 185 -32.32 -11.24 9.08
N HIS A 186 -31.74 -11.57 7.95
CA HIS A 186 -32.40 -12.41 6.94
C HIS A 186 -31.55 -13.64 6.67
N SER A 187 -32.17 -14.81 6.56
CA SER A 187 -31.42 -16.07 6.48
C SER A 187 -30.48 -16.10 5.25
N SER A 188 -30.99 -15.74 4.09
CA SER A 188 -30.19 -15.68 2.87
C SER A 188 -28.97 -14.76 2.98
N TYR A 189 -29.08 -13.66 3.73
CA TYR A 189 -27.92 -12.80 3.99
C TYR A 189 -26.89 -13.53 4.83
N LYS A 190 -27.33 -14.11 5.95
CA LYS A 190 -26.42 -14.84 6.84
C LYS A 190 -25.73 -15.98 6.11
N GLU A 191 -26.45 -16.60 5.16
CA GLU A 191 -25.88 -17.63 4.29
C GLU A 191 -24.85 -17.08 3.32
N LEU A 192 -25.12 -15.92 2.75
CA LEU A 192 -24.18 -15.27 1.85
C LEU A 192 -22.86 -15.00 2.57
N MSE A 193 -22.93 -14.67 3.85
CA MSE A 193 -21.74 -14.35 4.63
C MSE A 193 -20.90 -15.57 5.00
O MSE A 193 -19.85 -15.42 5.61
CB MSE A 193 -22.14 -13.55 5.86
CG MSE A 193 -22.82 -12.22 5.50
SE MSE A 193 -21.69 -10.97 4.53
CE MSE A 193 -22.06 -11.45 2.76
N THR A 194 -21.34 -16.76 4.63
CA THR A 194 -20.54 -17.96 4.81
C THR A 194 -19.59 -18.19 3.65
N PHE A 195 -19.88 -17.60 2.49
CA PHE A 195 -19.03 -17.79 1.30
C PHE A 195 -18.62 -16.51 0.56
N ALA A 196 -18.97 -15.34 1.09
CA ALA A 196 -18.61 -14.08 0.48
C ALA A 196 -18.14 -13.12 1.56
N LYS A 197 -17.04 -12.41 1.30
CA LYS A 197 -16.53 -11.42 2.22
C LYS A 197 -16.67 -10.04 1.61
N VAL A 198 -17.48 -9.21 2.25
CA VAL A 198 -17.58 -7.82 1.85
C VAL A 198 -16.25 -7.16 2.18
N ASN A 199 -15.64 -6.49 1.19
CA ASN A 199 -14.39 -5.77 1.43
C ASN A 199 -14.54 -4.28 1.18
N MSE A 200 -15.76 -3.82 0.89
CA MSE A 200 -16.01 -2.39 0.69
C MSE A 200 -17.52 -2.08 0.66
O MSE A 200 -18.30 -2.83 0.07
CB MSE A 200 -15.36 -1.93 -0.61
CG MSE A 200 -15.51 -0.44 -0.92
SE MSE A 200 -16.65 -0.05 -2.44
CE MSE A 200 -15.31 0.49 -3.52
N ARG A 201 -17.92 -1.00 1.32
CA ARG A 201 -19.29 -0.49 1.21
C ARG A 201 -19.26 1.04 1.32
N ASN A 202 -19.94 1.74 0.42
CA ASN A 202 -19.90 3.19 0.42
C ASN A 202 -21.18 3.79 -0.09
N ILE A 203 -21.46 5.01 0.37
CA ILE A 203 -22.66 5.74 -0.04
C ILE A 203 -22.22 6.82 -1.02
N ILE A 204 -22.95 6.95 -2.13
CA ILE A 204 -22.78 8.06 -3.06
C ILE A 204 -24.00 8.97 -2.95
N LYS A 205 -23.77 10.28 -2.87
CA LYS A 205 -24.87 11.25 -2.92
C LYS A 205 -25.02 11.75 -4.35
N ILE A 206 -26.18 11.55 -4.94
CA ILE A 206 -26.40 12.01 -6.29
C ILE A 206 -26.41 13.54 -6.31
N LEU A 207 -25.59 14.13 -7.19
CA LEU A 207 -25.54 15.57 -7.40
C LEU A 207 -26.34 15.89 -8.63
N SER B 3 -5.52 19.67 31.24
CA SER B 3 -6.32 18.64 31.96
C SER B 3 -7.81 18.82 31.70
N ASN B 4 -8.18 19.85 30.94
CA ASN B 4 -9.51 19.95 30.33
C ASN B 4 -9.60 19.07 29.08
N ILE B 5 -8.47 18.53 28.65
CA ILE B 5 -8.37 17.58 27.55
C ILE B 5 -8.71 16.18 28.06
N ASN B 6 -9.49 15.44 27.27
CA ASN B 6 -9.80 14.03 27.54
C ASN B 6 -9.23 13.17 26.41
N TYR B 7 -9.42 11.86 26.51
CA TYR B 7 -8.79 10.91 25.60
C TYR B 7 -9.79 9.89 25.14
N VAL B 8 -9.57 9.44 23.91
CA VAL B 8 -10.38 8.42 23.27
C VAL B 8 -9.51 7.32 22.68
N ILE B 9 -9.84 6.09 23.02
CA ILE B 9 -9.15 4.96 22.47
C ILE B 9 -10.08 4.37 21.41
N LEU B 10 -9.54 4.11 20.23
CA LEU B 10 -10.31 3.50 19.17
C LEU B 10 -9.62 2.25 18.78
N THR B 11 -10.33 1.12 18.83
CA THR B 11 -9.73 -0.18 18.46
C THR B 11 -10.57 -0.82 17.37
N VAL B 12 -9.92 -1.43 16.39
CA VAL B 12 -10.62 -2.04 15.27
C VAL B 12 -10.16 -3.47 15.08
N ALA B 13 -11.11 -4.40 14.93
CA ALA B 13 -10.84 -5.81 14.74
C ALA B 13 -11.63 -6.40 13.61
N SER B 14 -11.02 -7.30 12.85
CA SER B 14 -11.78 -8.14 11.92
C SER B 14 -12.31 -9.34 12.67
N VAL B 15 -13.56 -9.70 12.41
CA VAL B 15 -14.26 -10.72 13.16
C VAL B 15 -15.05 -11.61 12.22
N ASP B 16 -15.02 -12.92 12.46
CA ASP B 16 -15.83 -13.83 11.65
C ASP B 16 -17.26 -13.41 11.81
N PHE B 17 -18.00 -13.52 10.73
CA PHE B 17 -19.35 -13.02 10.69
C PHE B 17 -20.24 -13.68 11.73
N SER B 18 -20.05 -14.98 11.94
CA SER B 18 -20.82 -15.79 12.90
C SER B 18 -20.61 -15.37 14.36
N TYR B 19 -19.43 -14.86 14.66
CA TYR B 19 -19.03 -14.47 16.02
C TYR B 19 -19.43 -13.05 16.40
N ARG B 20 -20.00 -12.31 15.45
CA ARG B 20 -20.37 -10.91 15.63
C ARG B 20 -21.30 -10.63 16.82
N GLU B 21 -22.36 -11.42 16.96
CA GLU B 21 -23.38 -11.16 17.97
C GLU B 21 -22.85 -11.63 19.31
N THR B 22 -22.24 -12.81 19.33
CA THR B 22 -21.48 -13.31 20.47
C THR B 22 -20.59 -12.23 21.04
N MSE B 23 -19.78 -11.66 20.15
CA MSE B 23 -18.80 -10.68 20.56
C MSE B 23 -19.39 -9.42 21.18
O MSE B 23 -18.86 -8.91 22.16
CB MSE B 23 -17.83 -10.31 19.43
CG MSE B 23 -16.55 -9.74 20.01
SE MSE B 23 -15.17 -9.51 18.79
CE MSE B 23 -14.39 -7.85 19.44
N ALA B 24 -20.50 -8.92 20.65
CA ALA B 24 -21.12 -7.72 21.19
C ALA B 24 -21.66 -7.96 22.61
N ARG B 25 -22.12 -9.19 22.88
CA ARG B 25 -22.60 -9.59 24.19
C ARG B 25 -21.44 -9.75 25.18
N LEU B 26 -20.36 -10.37 24.75
CA LEU B 26 -19.17 -10.42 25.58
C LEU B 26 -18.69 -9.00 25.89
N MSE B 27 -18.67 -8.14 24.89
CA MSE B 27 -18.10 -6.81 25.04
C MSE B 27 -18.88 -5.92 26.01
O MSE B 27 -18.29 -5.12 26.70
CB MSE B 27 -17.92 -6.13 23.70
CG MSE B 27 -16.83 -6.74 22.86
SE MSE B 27 -15.08 -6.59 23.67
CE MSE B 27 -14.86 -4.61 23.58
N SER B 28 -20.19 -6.06 26.09
CA SER B 28 -20.92 -5.23 27.03
C SER B 28 -20.54 -5.62 28.48
N SER B 29 -20.24 -6.89 28.69
CA SER B 29 -19.75 -7.38 29.96
C SER B 29 -18.42 -6.70 30.24
N TYR B 30 -17.51 -6.81 29.27
CA TYR B 30 -16.21 -6.20 29.34
C TYR B 30 -16.29 -4.67 29.53
N SER B 31 -17.29 -4.03 28.94
CA SER B 31 -17.55 -2.59 29.13
C SER B 31 -17.90 -2.27 30.58
N LYS B 32 -18.86 -2.99 31.15
CA LYS B 32 -19.26 -2.75 32.55
C LYS B 32 -18.01 -2.78 33.44
N ASP B 33 -17.13 -3.74 33.19
CA ASP B 33 -15.89 -3.88 33.94
C ASP B 33 -15.01 -2.62 33.82
N LEU B 34 -14.83 -2.08 32.61
CA LEU B 34 -14.05 -0.86 32.40
C LEU B 34 -14.72 0.36 33.03
N ILE B 35 -16.04 0.44 32.88
CA ILE B 35 -16.82 1.53 33.44
C ILE B 35 -16.74 1.56 34.97
N ASP B 36 -16.86 0.38 35.59
CA ASP B 36 -16.84 0.26 37.05
C ASP B 36 -15.43 0.32 37.65
N ASN B 37 -14.45 -0.32 37.02
CA ASN B 37 -13.13 -0.52 37.64
C ASN B 37 -11.96 0.27 37.03
N ALA B 38 -12.05 0.65 35.76
CA ALA B 38 -10.99 1.45 35.11
C ALA B 38 -11.32 2.95 35.07
N GLY B 39 -12.53 3.31 35.49
CA GLY B 39 -12.97 4.69 35.45
C GLY B 39 -13.31 5.19 34.05
N ALA B 40 -13.62 4.27 33.13
CA ALA B 40 -14.04 4.64 31.78
C ALA B 40 -15.34 5.43 31.81
N LYS B 41 -15.37 6.56 31.11
CA LYS B 41 -16.54 7.45 31.06
C LYS B 41 -17.44 7.08 29.87
N GLY B 42 -17.69 5.78 29.71
CA GLY B 42 -18.47 5.31 28.59
C GLY B 42 -17.64 4.50 27.60
N THR B 43 -18.34 3.65 26.85
CA THR B 43 -17.78 2.92 25.73
C THR B 43 -18.80 2.83 24.61
N ARG B 44 -18.33 2.56 23.39
CA ARG B 44 -19.22 2.28 22.27
C ARG B 44 -18.66 1.11 21.52
N PHE B 45 -19.54 0.26 21.03
CA PHE B 45 -19.14 -0.91 20.27
C PHE B 45 -20.09 -1.07 19.10
N GLY B 46 -19.50 -1.22 17.92
CA GLY B 46 -20.31 -1.20 16.72
C GLY B 46 -19.61 -1.79 15.54
N SER B 47 -20.32 -1.82 14.43
CA SER B 47 -19.86 -2.38 13.20
C SER B 47 -19.56 -1.22 12.28
N ILE B 48 -18.39 -1.23 11.63
CA ILE B 48 -18.09 -0.18 10.67
C ILE B 48 -18.87 -0.51 9.39
N GLY B 49 -19.72 0.40 8.96
CA GLY B 49 -20.62 0.15 7.86
C GLY B 49 -20.07 0.51 6.50
N THR B 50 -19.05 1.33 6.45
CA THR B 50 -18.63 1.91 5.19
C THR B 50 -17.10 1.87 5.01
N GLY B 51 -16.64 2.11 3.80
CA GLY B 51 -15.22 2.21 3.49
C GLY B 51 -14.57 0.84 3.38
N ASP B 52 -13.24 0.81 3.31
CA ASP B 52 -12.53 -0.43 3.10
C ASP B 52 -12.54 -1.38 4.30
N HIS B 53 -12.79 -0.86 5.48
CA HIS B 53 -12.92 -1.68 6.69
C HIS B 53 -14.37 -2.07 6.95
N ALA B 54 -15.25 -1.98 5.95
CA ALA B 54 -16.66 -2.32 6.17
C ALA B 54 -16.74 -3.75 6.67
N GLY B 55 -17.45 -3.95 7.77
CA GLY B 55 -17.58 -5.26 8.37
C GLY B 55 -16.64 -5.48 9.54
N SER B 56 -15.60 -4.69 9.65
CA SER B 56 -14.81 -4.70 10.88
C SER B 56 -15.66 -4.18 12.04
N LEU B 57 -15.30 -4.60 13.26
CA LEU B 57 -15.95 -4.11 14.46
C LEU B 57 -15.00 -3.10 15.10
N ILE B 58 -15.59 -2.10 15.77
CA ILE B 58 -14.87 -1.01 16.39
C ILE B 58 -15.32 -0.89 17.84
N PHE B 59 -14.34 -0.67 18.73
CA PHE B 59 -14.61 -0.41 20.14
C PHE B 59 -14.04 0.97 20.53
N ILE B 60 -14.82 1.77 21.23
CA ILE B 60 -14.38 3.14 21.56
C ILE B 60 -14.47 3.35 23.07
N GLN B 61 -13.37 3.80 23.65
CA GLN B 61 -13.34 3.99 25.10
C GLN B 61 -13.07 5.46 25.39
N PHE B 62 -13.73 6.01 26.41
CA PHE B 62 -13.53 7.40 26.81
C PHE B 62 -12.88 7.48 28.19
N TYR B 63 -11.76 8.20 28.27
CA TYR B 63 -11.06 8.45 29.53
C TYR B 63 -10.72 9.92 29.71
N ASP B 64 -10.85 10.41 30.95
CA ASP B 64 -10.48 11.78 31.32
C ASP B 64 -8.97 11.97 31.37
N ASP B 65 -8.26 10.89 31.67
CA ASP B 65 -6.78 10.92 31.76
C ASP B 65 -6.24 9.59 31.26
N LEU B 66 -4.99 9.59 30.80
CA LEU B 66 -4.35 8.35 30.30
C LEU B 66 -4.09 7.33 31.42
N THR B 67 -4.07 7.77 32.68
CA THR B 67 -4.02 6.80 33.79
C THR B 67 -5.18 5.83 33.74
N GLY B 68 -6.38 6.36 33.44
CA GLY B 68 -7.57 5.55 33.26
C GLY B 68 -7.32 4.43 32.29
N TYR B 69 -6.72 4.75 31.14
CA TYR B 69 -6.42 3.74 30.13
C TYR B 69 -5.44 2.72 30.67
N GLN B 70 -4.47 3.17 31.44
CA GLN B 70 -3.48 2.30 32.04
C GLN B 70 -4.14 1.33 33.02
N LYS B 71 -5.14 1.81 33.76
CA LYS B 71 -5.90 0.93 34.64
C LYS B 71 -6.69 -0.06 33.78
N ALA B 72 -7.24 0.40 32.66
CA ALA B 72 -7.96 -0.47 31.72
C ALA B 72 -7.07 -1.62 31.21
N LEU B 73 -5.80 -1.31 30.92
CA LEU B 73 -4.84 -2.33 30.52
C LEU B 73 -4.62 -3.40 31.61
N GLU B 74 -4.61 -2.98 32.87
CA GLU B 74 -4.48 -3.94 33.97
C GLU B 74 -5.75 -4.81 34.07
N ILE B 75 -6.91 -4.24 33.77
CA ILE B 75 -8.17 -5.00 33.76
C ILE B 75 -8.15 -6.09 32.67
N GLN B 76 -7.60 -5.78 31.51
CA GLN B 76 -7.53 -6.76 30.41
C GLN B 76 -6.83 -8.03 30.84
N SER B 77 -5.63 -7.88 31.37
CA SER B 77 -4.79 -8.98 31.78
C SER B 77 -5.50 -9.95 32.70
N LYS B 78 -6.39 -9.41 33.53
CA LYS B 78 -7.14 -10.23 34.50
C LYS B 78 -8.52 -10.69 34.00
N SER B 79 -8.99 -10.14 32.88
CA SER B 79 -10.36 -10.40 32.41
C SER B 79 -10.55 -11.71 31.65
N SER B 80 -11.51 -12.52 32.12
CA SER B 80 -11.87 -13.80 31.48
C SER B 80 -12.55 -13.63 30.14
N VAL B 81 -13.49 -12.68 30.11
CA VAL B 81 -14.20 -12.33 28.87
C VAL B 81 -13.22 -11.89 27.77
N PHE B 82 -12.23 -11.08 28.13
CA PHE B 82 -11.22 -10.68 27.17
C PHE B 82 -10.42 -11.90 26.69
N LYS B 83 -9.99 -12.74 27.63
CA LYS B 83 -9.23 -13.95 27.27
C LYS B 83 -10.03 -14.81 26.29
N GLU B 84 -11.31 -14.99 26.59
CA GLU B 84 -12.16 -15.81 25.73
C GLU B 84 -12.20 -15.34 24.27
N ILE B 85 -12.30 -14.02 24.08
CA ILE B 85 -12.36 -13.45 22.72
C ILE B 85 -11.05 -13.66 21.97
N MSE B 86 -9.92 -13.48 22.66
CA MSE B 86 -8.60 -13.69 22.06
C MSE B 86 -8.30 -15.17 21.81
O MSE B 86 -7.66 -15.49 20.82
CB MSE B 86 -7.50 -13.05 22.92
CG MSE B 86 -7.66 -11.52 23.15
SE MSE B 86 -7.63 -10.41 21.50
CE MSE B 86 -9.53 -10.47 20.99
N ASP B 87 -8.75 -16.05 22.71
CA ASP B 87 -8.56 -17.48 22.52
C ASP B 87 -9.47 -18.06 21.45
N SER B 88 -10.54 -17.34 21.12
CA SER B 88 -11.50 -17.86 20.16
C SER B 88 -10.88 -18.05 18.77
N GLY B 89 -9.89 -17.23 18.45
CA GLY B 89 -9.35 -17.22 17.11
C GLY B 89 -10.29 -16.63 16.07
N LYS B 90 -11.40 -16.03 16.52
CA LYS B 90 -12.38 -15.46 15.60
C LYS B 90 -12.29 -13.93 15.51
N ALA B 91 -11.48 -13.33 16.35
CA ALA B 91 -11.35 -11.88 16.38
C ALA B 91 -9.88 -11.50 16.24
N ASN B 92 -9.57 -10.59 15.33
CA ASN B 92 -8.22 -10.11 15.15
C ASN B 92 -8.12 -8.57 15.20
N ILE B 93 -7.55 -8.05 16.29
CA ILE B 93 -7.31 -6.62 16.46
C ILE B 93 -6.17 -6.24 15.57
N TYR B 94 -6.42 -5.34 14.61
CA TYR B 94 -5.37 -4.92 13.67
C TYR B 94 -5.08 -3.42 13.70
N LEU B 95 -5.80 -2.68 14.51
CA LEU B 95 -5.58 -1.26 14.60
C LEU B 95 -6.05 -0.81 15.94
N ARG B 96 -5.23 -0.01 16.62
CA ARG B 96 -5.64 0.71 17.83
C ARG B 96 -4.90 2.02 17.90
N ASN B 97 -5.64 3.11 18.05
CA ASN B 97 -5.02 4.44 18.17
C ASN B 97 -5.76 5.31 19.17
N ILE B 98 -5.07 6.33 19.67
CA ILE B 98 -5.58 7.23 20.72
C ILE B 98 -5.78 8.62 20.16
N SER B 99 -6.88 9.27 20.55
CA SER B 99 -7.13 10.65 20.13
C SER B 99 -7.35 11.54 21.34
N THR B 100 -7.01 12.81 21.21
CA THR B 100 -7.42 13.78 22.21
C THR B 100 -8.91 14.05 21.99
N SER B 101 -9.56 14.55 23.04
CA SER B 101 -10.93 15.01 22.94
C SER B 101 -10.92 16.40 23.58
N LEU B 102 -11.15 17.42 22.77
CA LEU B 102 -11.05 18.81 23.21
C LEU B 102 -12.43 19.39 23.49
N PRO B 103 -12.50 20.38 24.40
CA PRO B 103 -13.70 21.16 24.72
C PRO B 103 -14.36 21.82 23.51
N THR B 104 -15.64 21.54 23.31
CA THR B 104 -16.41 22.20 22.24
C THR B 104 -17.68 22.81 22.83
N LYS B 105 -18.20 23.82 22.15
CA LYS B 105 -19.43 24.48 22.56
C LYS B 105 -20.63 23.73 21.99
N PHE B 106 -20.88 22.51 22.44
CA PHE B 106 -21.93 21.68 21.85
C PHE B 106 -22.70 21.00 22.96
N GLU B 107 -24.02 21.03 22.84
CA GLU B 107 -24.91 20.51 23.86
C GLU B 107 -24.96 18.98 23.82
N GLN B 108 -24.23 18.34 24.72
CA GLN B 108 -24.18 16.87 24.75
C GLN B 108 -25.51 16.28 25.23
N SER B 109 -25.95 15.21 24.57
CA SER B 109 -27.14 14.46 24.98
C SER B 109 -26.74 13.15 25.65
N TYR B 110 -27.59 12.67 26.55
CA TYR B 110 -27.34 11.43 27.32
C TYR B 110 -27.82 10.18 26.58
N GLU B 111 -28.53 10.40 25.48
CA GLU B 111 -29.11 9.32 24.68
C GLU B 111 -28.00 8.49 24.00
N HIS B 112 -28.08 7.17 24.16
CA HIS B 112 -27.19 6.28 23.44
C HIS B 112 -27.54 6.47 21.95
N PRO B 113 -26.53 6.76 21.12
CA PRO B 113 -26.79 6.91 19.70
C PRO B 113 -26.91 5.56 19.04
N LYS B 114 -27.57 5.52 17.90
CA LYS B 114 -27.64 4.30 17.13
C LYS B 114 -26.51 4.26 16.08
N TYR B 115 -26.10 5.43 15.58
CA TYR B 115 -25.00 5.54 14.62
C TYR B 115 -24.00 6.59 15.05
N ILE B 116 -22.74 6.37 14.64
CA ILE B 116 -21.67 7.36 14.81
C ILE B 116 -21.00 7.60 13.46
N VAL B 117 -20.78 8.87 13.15
CA VAL B 117 -20.03 9.25 11.96
C VAL B 117 -18.65 9.73 12.45
N LEU B 118 -17.59 9.05 12.03
CA LEU B 118 -16.24 9.53 12.26
C LEU B 118 -15.79 10.14 10.98
N THR B 119 -15.18 11.33 11.09
CA THR B 119 -14.58 12.04 9.97
C THR B 119 -13.16 12.36 10.38
N ARG B 120 -12.24 12.27 9.42
CA ARG B 120 -10.83 12.52 9.68
C ARG B 120 -10.31 13.43 8.62
N ALA B 121 -9.51 14.42 9.04
CA ALA B 121 -9.01 15.42 8.14
C ALA B 121 -7.54 15.75 8.40
N GLU B 122 -6.91 16.30 7.36
CA GLU B 122 -5.53 16.74 7.43
C GLU B 122 -5.50 18.27 7.42
N ALA B 123 -4.76 18.86 8.36
CA ALA B 123 -4.67 20.31 8.44
C ALA B 123 -3.48 20.69 9.30
N ALA B 124 -2.93 21.89 9.08
CA ALA B 124 -1.79 22.36 9.86
C ALA B 124 -2.16 22.42 11.34
N MSE B 125 -1.19 22.12 12.21
CA MSE B 125 -1.40 22.28 13.65
C MSE B 125 -1.60 23.77 14.01
O MSE B 125 -2.26 24.10 15.01
CB MSE B 125 -0.24 21.67 14.46
CG MSE B 125 -0.18 20.12 14.48
SE MSE B 125 -1.72 19.13 15.32
CE MSE B 125 -2.34 20.48 16.61
N SER B 126 -1.03 24.67 13.19
CA SER B 126 -1.25 26.11 13.35
C SER B 126 -2.69 26.58 13.08
N ASP B 127 -3.47 25.77 12.36
CA ASP B 127 -4.89 26.06 12.10
C ASP B 127 -5.80 25.47 13.17
N LYS B 128 -5.25 24.99 14.28
CA LYS B 128 -6.06 24.25 15.27
C LYS B 128 -7.23 25.08 15.82
N ASP B 129 -7.00 26.38 15.96
CA ASP B 129 -8.01 27.29 16.52
C ASP B 129 -9.10 27.62 15.49
N LYS B 130 -8.67 27.92 14.27
CA LYS B 130 -9.60 28.09 13.14
C LYS B 130 -10.54 26.90 13.09
N PHE B 131 -9.93 25.72 13.17
CA PHE B 131 -10.66 24.46 13.13
C PHE B 131 -11.70 24.47 14.24
N LEU B 132 -11.25 24.67 15.47
CA LEU B 132 -12.15 24.63 16.61
C LEU B 132 -13.30 25.63 16.46
N ASN B 133 -13.01 26.82 15.93
CA ASN B 133 -14.06 27.83 15.67
C ASN B 133 -15.14 27.40 14.69
N CYS B 134 -14.73 26.81 13.57
CA CYS B 134 -15.70 26.26 12.60
C CYS B 134 -16.58 25.26 13.28
N ILE B 135 -15.96 24.33 14.01
CA ILE B 135 -16.72 23.30 14.71
C ILE B 135 -17.77 23.95 15.60
N ASN B 136 -17.39 24.96 16.35
CA ASN B 136 -18.33 25.64 17.23
C ASN B 136 -19.35 26.50 16.49
N ASP B 137 -18.95 27.05 15.35
CA ASP B 137 -19.86 27.86 14.52
C ASP B 137 -20.97 27.02 13.87
N THR B 138 -20.69 25.74 13.62
CA THR B 138 -21.68 24.83 13.04
C THR B 138 -22.37 23.93 14.07
N ALA B 139 -22.06 24.09 15.34
CA ALA B 139 -22.67 23.29 16.41
C ALA B 139 -24.18 23.12 16.27
N SER B 140 -24.85 24.20 15.89
CA SER B 140 -26.30 24.18 15.73
C SER B 140 -26.78 23.42 14.49
N CYS B 141 -25.97 23.31 13.44
CA CYS B 141 -26.29 22.41 12.30
C CYS B 141 -26.56 21.02 12.80
N PHE B 142 -25.73 20.58 13.72
CA PHE B 142 -25.78 19.24 14.24
C PHE B 142 -26.93 19.08 15.20
N LYS B 143 -26.97 19.92 16.23
CA LYS B 143 -27.98 19.75 17.29
C LYS B 143 -29.39 19.95 16.73
N ASP B 144 -29.55 20.96 15.88
CA ASP B 144 -30.87 21.24 15.28
C ASP B 144 -31.42 20.07 14.48
N ASN B 145 -30.54 19.33 13.81
CA ASN B 145 -30.96 18.24 12.94
C ASN B 145 -30.92 16.86 13.56
N GLY B 146 -30.69 16.79 14.87
CA GLY B 146 -30.84 15.53 15.64
C GLY B 146 -29.57 14.93 16.23
N ALA B 147 -28.42 15.56 16.00
CA ALA B 147 -27.16 15.04 16.52
C ALA B 147 -27.17 14.99 18.03
N LEU B 148 -26.67 13.89 18.58
CA LEU B 148 -26.72 13.63 20.01
C LEU B 148 -25.44 14.10 20.66
N THR B 149 -24.31 13.61 20.19
CA THR B 149 -23.00 13.95 20.78
C THR B 149 -22.01 14.37 19.71
N LEU B 150 -21.06 15.21 20.12
CA LEU B 150 -19.98 15.65 19.25
C LEU B 150 -18.68 15.71 20.05
N ARG B 151 -17.66 15.03 19.51
CA ARG B 151 -16.34 15.05 20.08
C ARG B 151 -15.34 15.29 18.98
N PHE B 152 -14.25 15.96 19.31
CA PHE B 152 -13.33 16.50 18.34
C PHE B 152 -11.93 16.56 18.90
N GLY B 153 -10.94 16.21 18.08
CA GLY B 153 -9.55 16.31 18.50
C GLY B 153 -8.54 15.89 17.44
N ASN B 154 -7.37 15.48 17.92
CA ASN B 154 -6.30 14.99 17.04
C ASN B 154 -5.85 13.60 17.43
N LEU B 155 -5.54 12.79 16.41
CA LEU B 155 -4.97 11.47 16.64
C LEU B 155 -3.58 11.71 17.20
N LEU B 156 -3.31 11.15 18.37
CA LEU B 156 -1.98 11.24 19.02
C LEU B 156 -1.05 10.13 18.58
N THR B 157 -1.61 8.99 18.12
CA THR B 157 -0.79 7.86 17.68
C THR B 157 -1.17 7.34 16.29
N GLY B 158 -0.25 6.56 15.69
CA GLY B 158 -0.54 5.78 14.49
C GLY B 158 -0.06 6.45 13.22
N SER B 159 -0.37 5.81 12.09
CA SER B 159 0.06 6.31 10.81
C SER B 159 -0.70 7.53 10.33
N ASN B 160 -1.77 7.95 11.02
CA ASN B 160 -2.39 9.25 10.78
C ASN B 160 -2.18 10.26 11.93
N VAL B 161 -1.07 10.08 12.67
CA VAL B 161 -0.82 10.97 13.78
C VAL B 161 -0.91 12.41 13.32
N GLY B 162 -1.61 13.23 14.08
CA GLY B 162 -1.76 14.65 13.75
C GLY B 162 -3.06 14.96 13.02
N ASN B 163 -3.67 13.99 12.34
CA ASN B 163 -4.95 14.25 11.69
C ASN B 163 -5.94 14.69 12.72
N TYR B 164 -6.81 15.60 12.33
CA TYR B 164 -7.92 15.96 13.18
C TYR B 164 -8.96 14.85 13.02
N LEU B 165 -9.73 14.60 14.08
CA LEU B 165 -10.78 13.60 14.03
C LEU B 165 -12.06 14.17 14.64
N LEU B 166 -13.20 13.87 14.01
CA LEU B 166 -14.51 14.29 14.53
C LEU B 166 -15.36 13.06 14.67
N GLY B 167 -16.01 12.94 15.83
CA GLY B 167 -16.98 11.86 16.07
C GLY B 167 -18.32 12.44 16.48
N VAL B 168 -19.39 12.05 15.77
CA VAL B 168 -20.72 12.61 16.01
C VAL B 168 -21.73 11.50 16.11
N GLY B 169 -22.51 11.51 17.17
CA GLY B 169 -23.52 10.47 17.43
C GLY B 169 -24.91 10.92 16.98
N TYR B 170 -25.67 9.98 16.42
CA TYR B 170 -26.98 10.27 15.85
C TYR B 170 -27.94 9.17 16.26
N PRO B 171 -29.25 9.49 16.35
CA PRO B 171 -30.28 8.48 16.57
C PRO B 171 -30.73 7.73 15.31
N SER B 172 -30.47 8.28 14.13
CA SER B 172 -30.94 7.68 12.90
C SER B 172 -30.12 8.18 11.71
N MSE B 173 -30.30 7.55 10.56
CA MSE B 173 -29.62 8.00 9.37
C MSE B 173 -30.33 9.20 8.75
O MSE B 173 -29.70 10.02 8.08
CB MSE B 173 -29.44 6.83 8.40
CG MSE B 173 -28.10 6.09 8.68
SE MSE B 173 -27.96 4.33 7.84
CE MSE B 173 -28.90 3.42 9.22
N GLU B 174 -31.64 9.34 8.98
CA GLU B 174 -32.35 10.54 8.60
C GLU B 174 -31.66 11.76 9.21
N ALA B 175 -31.30 11.65 10.50
CA ALA B 175 -30.66 12.77 11.19
C ALA B 175 -29.31 13.14 10.57
N ILE B 176 -28.60 12.10 10.11
CA ILE B 176 -27.37 12.28 9.36
C ILE B 176 -27.65 13.05 8.08
N GLU B 177 -28.58 12.56 7.26
CA GLU B 177 -28.94 13.24 6.02
C GLU B 177 -29.32 14.70 6.22
N LYS B 178 -30.15 14.97 7.21
CA LYS B 178 -30.62 16.34 7.45
C LYS B 178 -29.47 17.21 7.95
N THR B 179 -28.59 16.64 8.77
CA THR B 179 -27.40 17.36 9.24
C THR B 179 -26.53 17.75 8.05
N TYR B 180 -26.23 16.80 7.18
CA TYR B 180 -25.33 17.05 6.05
C TYR B 180 -25.95 17.94 4.96
N ASP B 181 -27.27 17.94 4.84
CA ASP B 181 -27.96 18.91 3.98
C ASP B 181 -27.61 20.34 4.41
N GLU B 182 -27.74 20.62 5.70
CA GLU B 182 -27.48 21.96 6.21
C GLU B 182 -25.98 22.28 6.22
N LEU B 183 -25.20 21.31 6.70
CA LEU B 183 -23.78 21.48 6.93
C LEU B 183 -23.01 21.90 5.67
N LEU B 184 -23.30 21.23 4.56
CA LEU B 184 -22.59 21.48 3.30
C LEU B 184 -22.94 22.85 2.66
N ALA B 185 -24.06 23.44 3.07
CA ALA B 185 -24.41 24.78 2.63
C ALA B 185 -24.30 25.79 3.76
N HIS B 186 -23.24 25.68 4.55
CA HIS B 186 -22.99 26.58 5.66
C HIS B 186 -21.64 27.24 5.46
N SER B 187 -21.56 28.54 5.70
CA SER B 187 -20.36 29.30 5.36
C SER B 187 -19.13 28.75 6.07
N SER B 188 -19.24 28.54 7.38
CA SER B 188 -18.13 27.99 8.19
C SER B 188 -17.64 26.63 7.66
N TYR B 189 -18.53 25.83 7.11
CA TYR B 189 -18.10 24.57 6.47
C TYR B 189 -17.27 24.85 5.21
N LYS B 190 -17.77 25.72 4.35
CA LYS B 190 -17.05 26.07 3.12
C LYS B 190 -15.71 26.75 3.42
N GLU B 191 -15.64 27.50 4.52
CA GLU B 191 -14.37 28.03 5.02
C GLU B 191 -13.43 26.90 5.46
N LEU B 192 -13.94 25.94 6.23
CA LEU B 192 -13.15 24.79 6.69
C LEU B 192 -12.47 24.11 5.52
N MSE B 193 -13.19 24.02 4.41
CA MSE B 193 -12.67 23.35 3.22
C MSE B 193 -11.52 24.09 2.54
O MSE B 193 -10.95 23.57 1.59
CB MSE B 193 -13.75 23.13 2.15
CG MSE B 193 -14.88 22.18 2.50
SE MSE B 193 -14.36 20.34 3.01
CE MSE B 193 -13.93 20.74 4.95
N THR B 194 -11.21 25.30 2.98
CA THR B 194 -10.09 26.05 2.41
C THR B 194 -8.77 25.70 3.07
N PHE B 195 -8.82 25.12 4.27
CA PHE B 195 -7.60 24.80 5.04
C PHE B 195 -7.55 23.38 5.66
N ALA B 196 -8.56 22.56 5.39
CA ALA B 196 -8.60 21.20 5.91
C ALA B 196 -9.07 20.27 4.82
N LYS B 197 -8.39 19.15 4.68
CA LYS B 197 -8.76 18.16 3.69
C LYS B 197 -9.28 16.92 4.37
N VAL B 198 -10.56 16.64 4.18
CA VAL B 198 -11.13 15.43 4.72
C VAL B 198 -10.53 14.30 3.93
N ASN B 199 -9.98 13.31 4.62
CA ASN B 199 -9.39 12.13 3.97
C ASN B 199 -10.08 10.82 4.36
N MSE B 200 -11.15 10.91 5.16
CA MSE B 200 -11.91 9.74 5.60
C MSE B 200 -13.24 10.14 6.25
O MSE B 200 -13.27 11.08 7.04
CB MSE B 200 -11.10 8.92 6.62
CG MSE B 200 -11.75 7.66 7.01
SE MSE B 200 -12.01 7.43 8.94
CE MSE B 200 -10.78 6.06 9.06
N ARG B 201 -14.31 9.42 5.93
CA ARG B 201 -15.61 9.59 6.61
C ARG B 201 -16.34 8.27 6.58
N ASN B 202 -16.84 7.83 7.73
CA ASN B 202 -17.44 6.49 7.86
C ASN B 202 -18.54 6.44 8.89
N ILE B 203 -19.49 5.53 8.68
CA ILE B 203 -20.62 5.37 9.56
C ILE B 203 -20.40 4.06 10.32
N ILE B 204 -20.55 4.13 11.65
CA ILE B 204 -20.58 2.97 12.54
C ILE B 204 -22.00 2.73 13.06
N LYS B 205 -22.46 1.48 13.02
CA LYS B 205 -23.73 1.07 13.62
C LYS B 205 -23.47 0.54 14.99
N ILE B 206 -24.01 1.19 16.03
CA ILE B 206 -23.83 0.68 17.37
C ILE B 206 -24.54 -0.66 17.47
N LEU B 207 -23.81 -1.68 17.94
CA LEU B 207 -24.33 -3.03 18.22
C LEU B 207 -24.67 -3.13 19.70
N ILE C 5 29.61 -0.30 -19.90
CA ILE C 5 28.45 -0.51 -18.97
C ILE C 5 28.17 -2.01 -18.76
N ASN C 6 28.00 -2.38 -17.48
CA ASN C 6 27.72 -3.76 -17.04
C ASN C 6 26.30 -3.82 -16.48
N TYR C 7 25.88 -5.03 -16.10
CA TYR C 7 24.55 -5.25 -15.56
C TYR C 7 24.55 -6.10 -14.31
N VAL C 8 23.60 -5.80 -13.44
CA VAL C 8 23.42 -6.54 -12.21
C VAL C 8 21.96 -6.97 -12.12
N ILE C 9 21.74 -8.26 -11.86
CA ILE C 9 20.40 -8.81 -11.68
C ILE C 9 20.24 -9.06 -10.19
N LEU C 10 19.15 -8.58 -9.60
CA LEU C 10 18.88 -8.80 -8.19
C LEU C 10 17.54 -9.50 -8.04
N THR C 11 17.53 -10.63 -7.34
CA THR C 11 16.33 -11.43 -7.13
C THR C 11 16.15 -11.61 -5.64
N VAL C 12 14.91 -11.45 -5.17
CA VAL C 12 14.56 -11.55 -3.75
C VAL C 12 13.41 -12.56 -3.52
N ALA C 13 13.61 -13.52 -2.63
CA ALA C 13 12.64 -14.58 -2.38
C ALA C 13 12.39 -14.69 -0.88
N SER C 14 11.14 -14.94 -0.49
CA SER C 14 10.89 -15.30 0.90
C SER C 14 10.99 -16.82 1.00
N VAL C 15 11.66 -17.27 2.05
CA VAL C 15 12.01 -18.67 2.19
C VAL C 15 11.67 -19.05 3.61
N ASP C 16 11.23 -20.27 3.79
CA ASP C 16 11.00 -20.76 5.14
C ASP C 16 12.34 -20.87 5.87
N PHE C 17 12.31 -20.67 7.18
CA PHE C 17 13.52 -20.70 8.02
C PHE C 17 14.11 -22.12 8.08
N SER C 18 13.23 -23.12 8.06
CA SER C 18 13.63 -24.53 8.04
C SER C 18 14.18 -25.00 6.70
N TYR C 19 13.94 -24.24 5.64
CA TYR C 19 14.43 -24.60 4.31
C TYR C 19 15.78 -23.92 4.02
N ARG C 20 16.23 -23.06 4.93
CA ARG C 20 17.38 -22.18 4.71
C ARG C 20 18.70 -22.86 4.32
N GLU C 21 18.96 -24.07 4.83
CA GLU C 21 20.20 -24.78 4.51
C GLU C 21 20.12 -25.54 3.18
N THR C 22 18.97 -26.15 2.92
CA THR C 22 18.67 -26.78 1.63
C THR C 22 18.82 -25.73 0.52
N MSE C 23 18.32 -24.53 0.83
CA MSE C 23 18.44 -23.39 -0.08
C MSE C 23 19.91 -23.04 -0.35
O MSE C 23 20.33 -22.93 -1.50
CB MSE C 23 17.69 -22.20 0.53
CG MSE C 23 17.37 -21.07 -0.45
SE MSE C 23 15.97 -21.50 -1.77
CE MSE C 23 16.02 -19.65 -2.70
N ALA C 24 20.68 -22.88 0.72
CA ALA C 24 22.11 -22.56 0.60
C ALA C 24 22.84 -23.64 -0.20
N ARG C 25 22.35 -24.87 -0.11
CA ARG C 25 22.94 -25.99 -0.83
C ARG C 25 22.64 -25.95 -2.31
N LEU C 26 21.37 -25.73 -2.64
CA LEU C 26 20.95 -25.78 -4.03
C LEU C 26 21.47 -24.58 -4.81
N MSE C 27 21.69 -23.46 -4.12
CA MSE C 27 22.18 -22.22 -4.75
C MSE C 27 23.67 -22.28 -5.09
O MSE C 27 24.10 -21.66 -6.08
CB MSE C 27 21.92 -20.99 -3.86
CG MSE C 27 20.45 -20.61 -3.69
SE MSE C 27 19.43 -20.32 -5.35
CE MSE C 27 20.69 -19.13 -6.30
N SER C 28 24.47 -22.99 -4.28
CA SER C 28 25.89 -23.18 -4.59
C SER C 28 26.07 -24.05 -5.85
N SER C 29 25.23 -25.08 -5.99
CA SER C 29 25.23 -25.85 -7.23
C SER C 29 24.91 -24.97 -8.45
N TYR C 30 24.09 -23.97 -8.22
CA TYR C 30 23.53 -23.13 -9.27
C TYR C 30 24.46 -21.99 -9.73
N SER C 31 25.19 -21.39 -8.78
CA SER C 31 26.16 -20.31 -9.11
C SER C 31 27.28 -20.80 -10.04
N LYS C 32 27.89 -21.95 -9.68
CA LYS C 32 28.94 -22.59 -10.50
C LYS C 32 28.48 -22.75 -11.94
N ASP C 33 27.24 -23.21 -12.06
CA ASP C 33 26.58 -23.40 -13.34
C ASP C 33 26.51 -22.12 -14.19
N LEU C 34 26.10 -21.01 -13.57
CA LEU C 34 26.02 -19.70 -14.24
C LEU C 34 27.40 -19.11 -14.55
N ILE C 35 28.34 -19.22 -13.61
CA ILE C 35 29.72 -18.72 -13.79
C ILE C 35 30.40 -19.43 -14.97
N ASP C 36 30.28 -20.77 -15.00
CA ASP C 36 30.94 -21.60 -16.00
C ASP C 36 30.21 -21.67 -17.36
N ASN C 37 28.88 -21.56 -17.36
CA ASN C 37 28.08 -21.73 -18.60
C ASN C 37 27.37 -20.48 -19.13
N ALA C 38 26.96 -19.58 -18.23
CA ALA C 38 26.27 -18.36 -18.65
C ALA C 38 27.25 -17.20 -18.90
N GLY C 39 28.50 -17.34 -18.48
CA GLY C 39 29.46 -16.22 -18.53
C GLY C 39 29.23 -15.19 -17.43
N ALA C 40 28.57 -15.59 -16.35
CA ALA C 40 28.36 -14.73 -15.19
C ALA C 40 29.69 -14.36 -14.59
N LYS C 41 29.89 -13.07 -14.33
CA LYS C 41 31.14 -12.56 -13.80
C LYS C 41 31.09 -12.51 -12.28
N GLY C 42 30.49 -13.53 -11.66
CA GLY C 42 30.31 -13.56 -10.22
C GLY C 42 28.85 -13.58 -9.79
N THR C 43 28.62 -14.12 -8.59
CA THR C 43 27.31 -14.06 -7.93
C THR C 43 27.50 -13.81 -6.42
N ARG C 44 26.45 -13.33 -5.77
CA ARG C 44 26.41 -13.18 -4.31
C ARG C 44 25.10 -13.73 -3.85
N PHE C 45 25.08 -14.33 -2.68
CA PHE C 45 23.87 -14.90 -2.12
C PHE C 45 23.88 -14.59 -0.64
N GLY C 46 22.77 -14.05 -0.16
CA GLY C 46 22.70 -13.67 1.24
C GLY C 46 21.29 -13.54 1.79
N SER C 47 21.22 -13.15 3.06
CA SER C 47 19.95 -12.78 3.70
C SER C 47 19.88 -11.27 3.92
N ILE C 48 18.72 -10.66 3.65
CA ILE C 48 18.55 -9.24 3.89
C ILE C 48 18.39 -9.09 5.39
N GLY C 49 19.28 -8.29 5.98
CA GLY C 49 19.32 -8.16 7.43
C GLY C 49 18.39 -7.10 7.97
N THR C 50 17.98 -6.16 7.14
CA THR C 50 17.23 -5.00 7.63
C THR C 50 16.02 -4.66 6.75
N GLY C 51 15.23 -3.72 7.22
CA GLY C 51 14.08 -3.25 6.48
C GLY C 51 12.89 -4.18 6.61
N ASP C 52 11.86 -3.88 5.82
CA ASP C 52 10.59 -4.62 5.88
C ASP C 52 10.71 -5.96 5.18
N HIS C 53 11.80 -6.16 4.42
CA HIS C 53 12.10 -7.47 3.83
C HIS C 53 13.14 -8.24 4.66
N ALA C 54 13.39 -7.81 5.89
CA ALA C 54 14.33 -8.53 6.77
C ALA C 54 13.96 -10.02 6.78
N GLY C 55 14.96 -10.87 6.52
CA GLY C 55 14.76 -12.32 6.53
C GLY C 55 14.57 -12.93 5.16
N SER C 56 14.19 -12.13 4.18
CA SER C 56 14.19 -12.59 2.79
C SER C 56 15.62 -12.89 2.40
N LEU C 57 15.77 -13.69 1.35
CA LEU C 57 17.07 -14.01 0.79
C LEU C 57 17.18 -13.30 -0.53
N ILE C 58 18.40 -12.93 -0.88
CA ILE C 58 18.67 -12.13 -2.07
C ILE C 58 19.79 -12.82 -2.88
N PHE C 59 19.65 -12.81 -4.20
CA PHE C 59 20.66 -13.37 -5.10
C PHE C 59 21.06 -12.30 -6.07
N ILE C 60 22.36 -12.08 -6.23
CA ILE C 60 22.85 -11.00 -7.11
C ILE C 60 23.72 -11.61 -8.18
N GLN C 61 23.49 -11.25 -9.44
CA GLN C 61 24.27 -11.78 -10.56
C GLN C 61 24.90 -10.64 -11.32
N PHE C 62 26.12 -10.83 -11.80
CA PHE C 62 26.84 -9.82 -12.57
C PHE C 62 27.09 -10.29 -14.01
N TYR C 63 26.71 -9.46 -14.97
CA TYR C 63 26.92 -9.77 -16.38
C TYR C 63 27.50 -8.56 -17.08
N ASP C 64 28.36 -8.80 -18.05
CA ASP C 64 28.93 -7.73 -18.86
C ASP C 64 27.94 -7.23 -19.92
N ASP C 65 27.01 -8.11 -20.29
CA ASP C 65 25.99 -7.80 -21.28
C ASP C 65 24.71 -8.57 -20.97
N LEU C 66 23.57 -8.09 -21.50
CA LEU C 66 22.30 -8.76 -21.27
C LEU C 66 22.20 -10.12 -22.01
N THR C 67 23.04 -10.32 -23.03
CA THR C 67 23.13 -11.64 -23.69
C THR C 67 23.61 -12.71 -22.72
N GLY C 68 24.51 -12.35 -21.80
CA GLY C 68 24.89 -13.23 -20.69
C GLY C 68 23.70 -13.65 -19.85
N TYR C 69 22.84 -12.69 -19.53
CA TYR C 69 21.69 -13.00 -18.74
C TYR C 69 20.76 -13.93 -19.53
N GLN C 70 20.61 -13.70 -20.83
CA GLN C 70 19.76 -14.56 -21.68
C GLN C 70 20.22 -16.00 -21.69
N LYS C 71 21.53 -16.21 -21.64
CA LYS C 71 22.10 -17.54 -21.52
C LYS C 71 21.77 -18.15 -20.15
N ALA C 72 21.91 -17.34 -19.11
CA ALA C 72 21.55 -17.75 -17.76
C ALA C 72 20.09 -18.20 -17.69
N LEU C 73 19.18 -17.48 -18.33
CA LEU C 73 17.77 -17.89 -18.40
C LEU C 73 17.61 -19.24 -19.06
N GLU C 74 18.40 -19.50 -20.10
CA GLU C 74 18.30 -20.78 -20.77
C GLU C 74 18.97 -21.91 -19.97
N ILE C 75 19.91 -21.56 -19.08
CA ILE C 75 20.44 -22.53 -18.08
C ILE C 75 19.42 -22.88 -16.96
N GLN C 76 18.58 -21.94 -16.56
CA GLN C 76 17.52 -22.22 -15.58
C GLN C 76 16.60 -23.34 -15.99
N SER C 77 16.00 -23.20 -17.17
CA SER C 77 15.05 -24.16 -17.70
C SER C 77 15.57 -25.61 -17.71
N LYS C 78 16.87 -25.79 -17.89
CA LYS C 78 17.48 -27.13 -17.89
C LYS C 78 18.05 -27.57 -16.53
N SER C 79 18.12 -26.66 -15.55
CA SER C 79 18.76 -26.97 -14.26
C SER C 79 17.86 -27.76 -13.30
N SER C 80 18.40 -28.87 -12.80
CA SER C 80 17.74 -29.70 -11.80
C SER C 80 17.68 -28.95 -10.50
N VAL C 81 18.81 -28.38 -10.10
CA VAL C 81 18.89 -27.59 -8.86
C VAL C 81 17.82 -26.50 -8.80
N PHE C 82 17.62 -25.79 -9.92
CA PHE C 82 16.57 -24.76 -9.96
C PHE C 82 15.18 -25.36 -9.87
N LYS C 83 14.98 -26.47 -10.57
CA LYS C 83 13.69 -27.15 -10.56
C LYS C 83 13.34 -27.58 -9.13
N GLU C 84 14.31 -28.16 -8.42
CA GLU C 84 14.10 -28.61 -7.02
C GLU C 84 13.66 -27.44 -6.12
N ILE C 85 14.32 -26.29 -6.22
CA ILE C 85 13.96 -25.12 -5.42
C ILE C 85 12.51 -24.73 -5.62
N MSE C 86 12.11 -24.65 -6.88
CA MSE C 86 10.77 -24.18 -7.21
C MSE C 86 9.72 -25.22 -6.86
O MSE C 86 8.62 -24.87 -6.42
CB MSE C 86 10.66 -23.80 -8.68
CG MSE C 86 11.63 -22.72 -9.13
SE MSE C 86 11.10 -20.86 -8.72
CE MSE C 86 12.07 -20.47 -7.08
N ASP C 87 10.06 -26.50 -7.03
CA ASP C 87 9.12 -27.59 -6.70
C ASP C 87 9.03 -27.79 -5.17
N SER C 88 10.00 -27.26 -4.43
CA SER C 88 10.01 -27.36 -2.97
C SER C 88 8.75 -26.77 -2.34
N GLY C 89 8.27 -25.69 -2.94
CA GLY C 89 7.22 -24.88 -2.35
C GLY C 89 7.70 -24.08 -1.13
N LYS C 90 9.02 -24.06 -0.90
CA LYS C 90 9.58 -23.39 0.28
C LYS C 90 10.23 -22.06 -0.08
N ALA C 91 10.34 -21.78 -1.38
CA ALA C 91 10.91 -20.52 -1.88
C ALA C 91 9.89 -19.81 -2.73
N ASN C 92 9.65 -18.53 -2.45
CA ASN C 92 8.77 -17.69 -3.27
C ASN C 92 9.49 -16.42 -3.75
N ILE C 93 9.93 -16.42 -5.00
CA ILE C 93 10.53 -15.25 -5.63
C ILE C 93 9.44 -14.20 -5.75
N TYR C 94 9.67 -13.03 -5.17
CA TYR C 94 8.67 -11.94 -5.22
C TYR C 94 9.18 -10.61 -5.80
N LEU C 95 10.46 -10.57 -6.15
CA LEU C 95 11.03 -9.38 -6.78
C LEU C 95 12.21 -9.81 -7.63
N ARG C 96 12.31 -9.28 -8.84
CA ARG C 96 13.53 -9.38 -9.62
C ARG C 96 13.73 -8.16 -10.51
N ASN C 97 14.83 -7.45 -10.32
CA ASN C 97 15.09 -6.30 -11.16
C ASN C 97 16.53 -6.26 -11.69
N ILE C 98 16.72 -5.49 -12.76
CA ILE C 98 17.99 -5.36 -13.44
C ILE C 98 18.52 -3.94 -13.24
N SER C 99 19.81 -3.82 -12.96
CA SER C 99 20.45 -2.53 -12.76
C SER C 99 21.65 -2.38 -13.67
N THR C 100 21.92 -1.15 -14.12
CA THR C 100 23.16 -0.87 -14.85
C THR C 100 24.28 -0.79 -13.84
N SER C 101 25.51 -1.04 -14.28
CA SER C 101 26.68 -0.88 -13.42
C SER C 101 27.66 -0.01 -14.17
N LEU C 102 27.83 1.22 -13.71
CA LEU C 102 28.63 2.21 -14.46
C LEU C 102 30.08 2.23 -13.96
N PRO C 103 31.03 2.56 -14.85
CA PRO C 103 32.44 2.76 -14.44
C PRO C 103 32.63 3.77 -13.29
N THR C 104 33.32 3.35 -12.21
CA THR C 104 33.70 4.27 -11.14
C THR C 104 35.21 4.21 -10.90
N LYS C 105 35.74 5.30 -10.35
CA LYS C 105 37.15 5.40 -10.00
C LYS C 105 37.37 4.86 -8.59
N PHE C 106 37.26 3.54 -8.47
CA PHE C 106 37.35 2.87 -7.18
C PHE C 106 38.18 1.61 -7.33
N GLU C 107 39.12 1.37 -6.41
CA GLU C 107 39.97 0.20 -6.50
C GLU C 107 39.28 -1.06 -5.97
N GLN C 108 38.82 -1.92 -6.89
CA GLN C 108 38.07 -3.13 -6.56
C GLN C 108 38.98 -4.18 -5.91
N SER C 109 38.46 -4.88 -4.89
CA SER C 109 39.14 -6.02 -4.27
C SER C 109 38.49 -7.34 -4.71
N TYR C 110 39.27 -8.42 -4.70
CA TYR C 110 38.79 -9.76 -5.08
C TYR C 110 38.26 -10.52 -3.84
N GLU C 111 38.48 -9.94 -2.67
CA GLU C 111 38.07 -10.51 -1.39
C GLU C 111 36.53 -10.67 -1.34
N HIS C 112 36.04 -11.89 -1.14
CA HIS C 112 34.62 -12.14 -1.00
C HIS C 112 34.13 -11.40 0.26
N PRO C 113 33.16 -10.47 0.09
CA PRO C 113 32.69 -9.71 1.26
C PRO C 113 31.85 -10.56 2.19
N LYS C 114 31.76 -10.16 3.45
CA LYS C 114 30.86 -10.79 4.40
C LYS C 114 29.54 -10.01 4.45
N TYR C 115 29.56 -8.69 4.17
CA TYR C 115 28.34 -7.87 4.11
C TYR C 115 28.26 -6.99 2.85
N ILE C 116 27.05 -6.76 2.37
CA ILE C 116 26.80 -5.78 1.31
C ILE C 116 25.77 -4.76 1.80
N VAL C 117 26.07 -3.48 1.64
CA VAL C 117 25.10 -2.41 1.90
C VAL C 117 24.55 -1.95 0.53
N LEU C 118 23.23 -2.02 0.35
CA LEU C 118 22.55 -1.48 -0.83
C LEU C 118 21.88 -0.19 -0.45
N THR C 119 22.09 0.86 -1.24
CA THR C 119 21.49 2.18 -1.00
C THR C 119 20.85 2.59 -2.31
N ARG C 120 19.63 3.13 -2.20
CA ARG C 120 18.85 3.53 -3.37
C ARG C 120 18.37 4.96 -3.20
N ALA C 121 18.43 5.71 -4.28
CA ALA C 121 18.10 7.13 -4.22
C ALA C 121 17.33 7.60 -5.44
N GLU C 122 16.56 8.67 -5.23
CA GLU C 122 15.85 9.33 -6.29
C GLU C 122 16.63 10.57 -6.63
N ALA C 123 16.86 10.80 -7.93
CA ALA C 123 17.55 11.99 -8.43
C ALA C 123 17.18 12.21 -9.89
N ALA C 124 17.19 13.46 -10.36
CA ALA C 124 16.97 13.72 -11.79
C ALA C 124 18.01 12.99 -12.65
N MSE C 125 17.59 12.53 -13.85
CA MSE C 125 18.53 11.86 -14.74
CA MSE C 125 18.47 11.91 -14.83
C MSE C 125 19.56 12.87 -15.28
C MSE C 125 19.55 12.88 -15.28
O MSE C 125 20.67 12.48 -15.64
CB MSE C 125 17.83 11.09 -15.88
CB MSE C 125 17.65 11.48 -16.04
CG MSE C 125 17.22 9.71 -15.45
CG MSE C 125 18.44 10.90 -17.21
SE MSE C 125 18.47 8.15 -15.33
SE MSE C 125 17.48 11.11 -18.88
CE MSE C 125 18.75 7.78 -17.28
CE MSE C 125 17.41 13.11 -18.97
N SER C 126 19.19 14.15 -15.28
CA SER C 126 20.13 15.24 -15.63
C SER C 126 21.26 15.46 -14.60
N ASP C 127 21.08 14.93 -13.39
CA ASP C 127 22.12 15.00 -12.36
C ASP C 127 23.03 13.77 -12.38
N LYS C 128 22.93 12.94 -13.41
CA LYS C 128 23.72 11.70 -13.49
C LYS C 128 25.21 11.95 -13.27
N ASP C 129 25.75 13.00 -13.89
CA ASP C 129 27.20 13.29 -13.85
C ASP C 129 27.66 13.82 -12.49
N LYS C 130 26.91 14.77 -11.95
CA LYS C 130 27.18 15.27 -10.60
C LYS C 130 27.20 14.10 -9.62
N PHE C 131 26.25 13.19 -9.78
CA PHE C 131 26.15 12.02 -8.93
C PHE C 131 27.46 11.21 -9.00
N LEU C 132 27.86 10.84 -10.22
CA LEU C 132 29.07 10.02 -10.43
C LEU C 132 30.29 10.72 -9.89
N ASN C 133 30.31 12.03 -10.00
CA ASN C 133 31.38 12.86 -9.41
C ASN C 133 31.50 12.66 -7.91
N CYS C 134 30.37 12.80 -7.22
CA CYS C 134 30.37 12.63 -5.77
C CYS C 134 30.87 11.27 -5.39
N ILE C 135 30.36 10.26 -6.07
CA ILE C 135 30.73 8.87 -5.83
C ILE C 135 32.24 8.67 -6.00
N ASN C 136 32.82 9.28 -7.01
CA ASN C 136 34.27 9.20 -7.19
C ASN C 136 35.07 10.11 -6.24
N ASP C 137 34.48 11.22 -5.80
CA ASP C 137 35.16 12.11 -4.84
C ASP C 137 35.18 11.52 -3.41
N THR C 138 34.26 10.62 -3.11
CA THR C 138 34.26 9.95 -1.82
C THR C 138 34.72 8.49 -1.92
N ALA C 139 35.31 8.09 -3.06
CA ALA C 139 35.85 6.73 -3.23
C ALA C 139 36.80 6.34 -2.09
N SER C 140 37.60 7.29 -1.64
CA SER C 140 38.61 7.05 -0.59
C SER C 140 37.97 6.81 0.79
N CYS C 141 36.84 7.45 1.07
CA CYS C 141 36.09 7.22 2.31
C CYS C 141 35.86 5.72 2.53
N PHE C 142 35.50 5.04 1.45
CA PHE C 142 35.17 3.62 1.46
C PHE C 142 36.46 2.77 1.52
N LYS C 143 37.37 2.98 0.56
CA LYS C 143 38.57 2.16 0.45
C LYS C 143 39.42 2.33 1.73
N ASP C 144 39.58 3.57 2.20
CA ASP C 144 40.29 3.87 3.47
C ASP C 144 39.83 3.03 4.64
N ASN C 145 38.51 2.93 4.78
CA ASN C 145 37.92 2.33 5.98
C ASN C 145 37.55 0.86 5.78
N GLY C 146 37.98 0.26 4.69
CA GLY C 146 37.90 -1.18 4.53
C GLY C 146 36.98 -1.72 3.45
N ALA C 147 36.24 -0.85 2.76
CA ALA C 147 35.33 -1.28 1.70
C ALA C 147 36.09 -2.10 0.67
N LEU C 148 35.47 -3.18 0.20
CA LEU C 148 36.11 -4.08 -0.74
C LEU C 148 35.69 -3.75 -2.18
N THR C 149 34.39 -3.68 -2.42
CA THR C 149 33.88 -3.44 -3.77
C THR C 149 32.86 -2.33 -3.76
N LEU C 150 32.75 -1.61 -4.88
CA LEU C 150 31.73 -0.58 -5.04
C LEU C 150 31.20 -0.60 -6.46
N ARG C 151 29.87 -0.71 -6.58
CA ARG C 151 29.15 -0.66 -7.86
C ARG C 151 28.06 0.39 -7.75
N PHE C 152 27.74 1.00 -8.89
CA PHE C 152 26.84 2.13 -8.94
C PHE C 152 26.18 2.22 -10.32
N GLY C 153 24.88 2.45 -10.32
CA GLY C 153 24.12 2.51 -11.57
C GLY C 153 22.70 2.89 -11.31
N ASN C 154 21.83 2.62 -12.28
CA ASN C 154 20.40 2.89 -12.18
C ASN C 154 19.53 1.64 -12.40
N LEU C 155 18.41 1.56 -11.69
CA LEU C 155 17.50 0.44 -11.86
C LEU C 155 16.85 0.61 -13.22
N LEU C 156 16.98 -0.39 -14.09
CA LEU C 156 16.39 -0.35 -15.42
C LEU C 156 14.96 -0.90 -15.40
N THR C 157 14.59 -1.63 -14.35
CA THR C 157 13.27 -2.26 -14.31
C THR C 157 12.56 -2.09 -12.97
N GLY C 158 11.24 -2.30 -12.98
CA GLY C 158 10.44 -2.40 -11.76
C GLY C 158 9.81 -1.10 -11.35
N SER C 159 9.22 -1.09 -10.16
CA SER C 159 8.52 0.07 -9.60
C SER C 159 9.44 1.23 -9.19
N ASN C 160 10.71 0.94 -9.00
CA ASN C 160 11.67 1.98 -8.72
C ASN C 160 12.56 2.22 -9.90
N VAL C 161 12.06 1.94 -11.11
CA VAL C 161 12.87 2.14 -12.32
C VAL C 161 13.37 3.57 -12.33
N GLY C 162 14.66 3.78 -12.63
CA GLY C 162 15.22 5.12 -12.71
C GLY C 162 15.99 5.55 -11.47
N ASN C 163 15.62 5.00 -10.30
CA ASN C 163 16.35 5.26 -9.07
C ASN C 163 17.81 4.90 -9.31
N TYR C 164 18.72 5.64 -8.67
CA TYR C 164 20.13 5.25 -8.64
C TYR C 164 20.25 4.17 -7.58
N LEU C 165 21.24 3.30 -7.73
CA LEU C 165 21.49 2.22 -6.79
C LEU C 165 22.98 2.12 -6.51
N LEU C 166 23.35 1.97 -5.24
CA LEU C 166 24.74 1.84 -4.85
C LEU C 166 24.91 0.54 -4.06
N GLY C 167 25.83 -0.32 -4.48
CA GLY C 167 26.14 -1.56 -3.76
C GLY C 167 27.59 -1.50 -3.32
N VAL C 168 27.85 -1.75 -2.04
CA VAL C 168 29.22 -1.69 -1.50
C VAL C 168 29.50 -2.93 -0.66
N GLY C 169 30.63 -3.61 -0.94
CA GLY C 169 31.03 -4.80 -0.20
C GLY C 169 31.96 -4.47 0.97
N TYR C 170 31.76 -5.16 2.09
CA TYR C 170 32.51 -4.93 3.31
C TYR C 170 32.93 -6.25 3.94
N PRO C 171 34.06 -6.26 4.64
CA PRO C 171 34.52 -7.45 5.33
C PRO C 171 33.89 -7.62 6.72
N SER C 172 33.36 -6.52 7.28
CA SER C 172 32.85 -6.51 8.63
C SER C 172 31.94 -5.34 8.82
N MSE C 173 31.19 -5.37 9.89
CA MSE C 173 30.35 -4.24 10.21
C MSE C 173 31.15 -3.07 10.80
O MSE C 173 30.77 -1.91 10.65
CB MSE C 173 29.22 -4.68 11.10
CG MSE C 173 28.35 -5.69 10.39
SE MSE C 173 26.70 -5.75 11.30
CE MSE C 173 26.30 -7.65 11.13
N GLU C 174 32.27 -3.38 11.44
CA GLU C 174 33.16 -2.33 11.90
C GLU C 174 33.54 -1.43 10.69
N ALA C 175 33.83 -2.05 9.56
CA ALA C 175 34.18 -1.30 8.36
C ALA C 175 33.03 -0.40 7.88
N ILE C 176 31.79 -0.85 8.01
CA ILE C 176 30.64 0.01 7.66
C ILE C 176 30.59 1.21 8.60
N GLU C 177 30.73 0.96 9.90
CA GLU C 177 30.69 2.04 10.89
C GLU C 177 31.73 3.11 10.57
N LYS C 178 32.95 2.68 10.29
CA LYS C 178 34.05 3.62 10.05
C LYS C 178 33.84 4.34 8.75
N THR C 179 33.30 3.64 7.76
CA THR C 179 33.01 4.26 6.49
C THR C 179 31.97 5.36 6.65
N TYR C 180 30.85 5.06 7.30
CA TYR C 180 29.77 6.04 7.44
C TYR C 180 30.15 7.18 8.42
N ASP C 181 31.01 6.90 9.38
CA ASP C 181 31.56 7.96 10.22
C ASP C 181 32.23 9.03 9.35
N GLU C 182 33.08 8.60 8.41
CA GLU C 182 33.76 9.53 7.53
C GLU C 182 32.79 10.11 6.51
N LEU C 183 32.03 9.24 5.86
CA LEU C 183 31.16 9.64 4.73
C LEU C 183 30.19 10.74 5.10
N LEU C 184 29.49 10.58 6.22
CA LEU C 184 28.47 11.55 6.62
C LEU C 184 29.06 12.96 6.92
N ALA C 185 30.36 13.03 7.22
CA ALA C 185 31.05 14.30 7.43
C ALA C 185 32.02 14.57 6.30
N HIS C 186 31.59 14.36 5.05
CA HIS C 186 32.41 14.68 3.87
C HIS C 186 31.64 15.66 2.99
N SER C 187 32.35 16.62 2.39
CA SER C 187 31.71 17.70 1.63
C SER C 187 30.87 17.18 0.46
N SER C 188 31.48 16.32 -0.36
CA SER C 188 30.81 15.72 -1.51
C SER C 188 29.56 14.95 -1.13
N TYR C 189 29.54 14.34 0.05
CA TYR C 189 28.32 13.68 0.54
C TYR C 189 27.20 14.69 0.86
N LYS C 190 27.54 15.75 1.60
CA LYS C 190 26.57 16.81 1.94
C LYS C 190 26.05 17.52 0.67
N GLU C 191 26.88 17.61 -0.35
CA GLU C 191 26.44 18.14 -1.63
C GLU C 191 25.47 17.19 -2.32
N LEU C 192 25.78 15.89 -2.30
CA LEU C 192 24.90 14.89 -2.90
C LEU C 192 23.50 14.99 -2.27
N MSE C 193 23.46 15.31 -0.98
CA MSE C 193 22.19 15.43 -0.26
C MSE C 193 21.34 16.62 -0.69
O MSE C 193 20.17 16.71 -0.30
CB MSE C 193 22.43 15.52 1.25
CG MSE C 193 22.96 14.20 1.90
SE MSE C 193 21.79 12.59 1.65
CE MSE C 193 22.64 11.80 -0.03
N THR C 194 21.90 17.52 -1.49
CA THR C 194 21.14 18.66 -1.99
C THR C 194 20.29 18.30 -3.22
N PHE C 195 20.64 17.24 -3.94
CA PHE C 195 19.92 16.87 -5.19
C PHE C 195 19.47 15.39 -5.31
N ALA C 196 19.76 14.60 -4.28
CA ALA C 196 19.42 13.19 -4.25
C ALA C 196 18.74 12.87 -2.93
N LYS C 197 17.67 12.09 -2.99
CA LYS C 197 17.00 11.66 -1.79
C LYS C 197 17.14 10.15 -1.66
N VAL C 198 17.89 9.72 -0.67
CA VAL C 198 17.99 8.31 -0.34
C VAL C 198 16.61 7.86 0.15
N ASN C 199 16.04 6.84 -0.49
CA ASN C 199 14.74 6.34 -0.09
C ASN C 199 14.81 4.90 0.41
N MSE C 200 16.01 4.33 0.53
CA MSE C 200 16.20 2.96 1.00
C MSE C 200 17.67 2.64 1.26
O MSE C 200 18.53 3.01 0.46
CB MSE C 200 15.66 1.99 -0.07
CG MSE C 200 15.64 0.50 0.34
SE MSE C 200 17.03 -0.49 -0.61
CE MSE C 200 15.88 -2.04 -1.24
N ARG C 201 17.94 1.99 2.40
CA ARG C 201 19.27 1.46 2.70
C ARG C 201 19.15 0.17 3.49
N ASN C 202 19.91 -0.84 3.10
CA ASN C 202 19.80 -2.15 3.74
C ASN C 202 21.10 -2.96 3.69
N ILE C 203 21.27 -3.83 4.69
CA ILE C 203 22.45 -4.66 4.81
C ILE C 203 22.05 -6.08 4.41
N ILE C 204 22.91 -6.70 3.60
CA ILE C 204 22.81 -8.11 3.28
C ILE C 204 23.98 -8.81 3.94
N LYS C 205 23.69 -9.94 4.59
CA LYS C 205 24.73 -10.83 5.13
C LYS C 205 24.96 -11.93 4.12
N ILE C 206 26.17 -12.00 3.59
CA ILE C 206 26.52 -13.07 2.64
C ILE C 206 26.49 -14.40 3.37
N LEU C 207 25.73 -15.34 2.81
CA LEU C 207 25.64 -16.70 3.35
C LEU C 207 26.48 -17.62 2.47
N SER D 3 1.86 -2.97 37.04
CA SER D 3 2.67 -1.73 37.25
C SER D 3 4.19 -2.01 37.32
N ASN D 4 4.56 -3.28 37.09
CA ASN D 4 5.91 -3.67 36.71
C ASN D 4 6.23 -3.33 35.26
N ILE D 5 5.17 -3.12 34.49
CA ILE D 5 5.26 -2.72 33.09
C ILE D 5 5.65 -1.24 33.01
N ASN D 6 6.46 -0.93 32.01
CA ASN D 6 6.84 0.44 31.67
C ASN D 6 6.36 0.72 30.25
N TYR D 7 6.52 1.95 29.77
CA TYR D 7 6.03 2.34 28.45
C TYR D 7 7.10 3.08 27.68
N VAL D 8 7.15 2.82 26.36
CA VAL D 8 8.07 3.47 25.42
C VAL D 8 7.23 4.21 24.36
N ILE D 9 7.53 5.47 24.11
CA ILE D 9 6.87 6.21 23.02
C ILE D 9 7.90 6.34 21.92
N LEU D 10 7.54 6.03 20.68
CA LEU D 10 8.46 6.16 19.56
C LEU D 10 7.86 7.09 18.50
N THR D 11 8.59 8.15 18.16
CA THR D 11 8.14 9.15 17.22
C THR D 11 9.11 9.20 16.04
N VAL D 12 8.58 9.26 14.82
CA VAL D 12 9.39 9.31 13.61
C VAL D 12 8.97 10.49 12.76
N ALA D 13 9.96 11.20 12.24
CA ALA D 13 9.70 12.41 11.48
C ALA D 13 10.69 12.49 10.34
N SER D 14 10.23 13.02 9.22
CA SER D 14 11.12 13.37 8.13
C SER D 14 11.63 14.77 8.36
N VAL D 15 12.92 14.99 8.18
CA VAL D 15 13.56 16.26 8.50
C VAL D 15 14.52 16.62 7.37
N ASP D 16 14.51 17.88 6.96
CA ASP D 16 15.44 18.36 5.92
C ASP D 16 16.84 18.03 6.36
N PHE D 17 17.70 17.54 5.46
CA PHE D 17 19.07 17.18 5.85
C PHE D 17 19.81 18.35 6.53
N SER D 18 19.61 19.56 6.04
CA SER D 18 20.30 20.73 6.57
C SER D 18 19.96 21.04 8.03
N TYR D 19 18.73 20.74 8.43
CA TYR D 19 18.26 21.05 9.78
C TYR D 19 18.72 20.03 10.82
N ARG D 20 19.32 18.93 10.38
CA ARG D 20 19.67 17.80 11.27
C ARG D 20 20.42 18.19 12.51
N GLU D 21 21.43 19.01 12.30
CA GLU D 21 22.30 19.41 13.40
C GLU D 21 21.55 20.26 14.41
N THR D 22 20.91 21.30 13.91
CA THR D 22 20.13 22.19 14.75
C THR D 22 19.08 21.40 15.53
N MSE D 23 18.42 20.46 14.84
CA MSE D 23 17.41 19.62 15.44
C MSE D 23 17.94 18.92 16.69
O MSE D 23 17.31 18.98 17.75
CB MSE D 23 16.98 18.58 14.40
CG MSE D 23 15.82 17.67 14.80
SE MSE D 23 14.14 18.58 14.69
CE MSE D 23 12.91 16.99 15.03
N ALA D 24 19.07 18.24 16.56
CA ALA D 24 19.67 17.46 17.66
C ALA D 24 19.88 18.32 18.88
N ARG D 25 20.35 19.54 18.62
CA ARG D 25 20.65 20.50 19.66
C ARG D 25 19.35 20.95 20.33
N LEU D 26 18.32 21.27 19.54
CA LEU D 26 17.01 21.61 20.13
C LEU D 26 16.45 20.39 20.93
N MSE D 27 16.64 19.19 20.40
CA MSE D 27 16.07 18.00 21.02
C MSE D 27 16.66 17.67 22.36
O MSE D 27 15.95 17.25 23.26
CB MSE D 27 16.22 16.79 20.12
CG MSE D 27 15.23 16.72 18.95
SE MSE D 27 13.38 17.09 19.43
CE MSE D 27 12.91 15.52 20.47
N SER D 28 17.97 17.86 22.51
CA SER D 28 18.59 17.59 23.82
C SER D 28 18.11 18.58 24.88
N SER D 29 17.74 19.80 24.46
CA SER D 29 17.11 20.76 25.38
C SER D 29 15.72 20.27 25.77
N TYR D 30 14.93 19.93 24.76
CA TYR D 30 13.62 19.34 24.99
C TYR D 30 13.71 18.06 25.84
N SER D 31 14.76 17.27 25.65
CA SER D 31 14.95 16.07 26.49
C SER D 31 15.10 16.40 27.96
N LYS D 32 15.97 17.38 28.27
CA LYS D 32 16.19 17.84 29.63
C LYS D 32 14.85 18.22 30.24
N ASP D 33 14.07 18.98 29.49
CA ASP D 33 12.74 19.39 29.91
C ASP D 33 11.90 18.19 30.36
N LEU D 34 11.86 17.16 29.53
CA LEU D 34 11.06 15.96 29.81
C LEU D 34 11.59 15.14 30.96
N ILE D 35 12.90 15.03 31.05
CA ILE D 35 13.55 14.29 32.13
C ILE D 35 13.28 14.96 33.48
N ASP D 36 13.41 16.28 33.52
CA ASP D 36 13.25 17.03 34.77
C ASP D 36 11.80 17.34 35.17
N ASN D 37 10.92 17.60 34.21
CA ASN D 37 9.54 18.04 34.51
C ASN D 37 8.43 17.03 34.24
N ALA D 38 8.65 16.13 33.28
CA ALA D 38 7.66 15.12 32.91
C ALA D 38 7.94 13.79 33.60
N GLY D 39 9.08 13.67 34.25
CA GLY D 39 9.49 12.43 34.91
C GLY D 39 9.99 11.35 33.96
N ALA D 40 10.36 11.76 32.74
CA ALA D 40 10.87 10.86 31.74
C ALA D 40 12.11 10.17 32.24
N LYS D 41 12.14 8.84 32.15
CA LYS D 41 13.28 8.05 32.63
C LYS D 41 14.32 7.85 31.55
N GLY D 42 14.59 8.89 30.74
CA GLY D 42 15.55 8.77 29.64
C GLY D 42 14.95 8.98 28.26
N THR D 43 15.76 9.46 27.33
CA THR D 43 15.37 9.56 25.93
C THR D 43 16.50 9.12 24.99
N ARG D 44 16.13 8.88 23.73
CA ARG D 44 17.08 8.67 22.65
C ARG D 44 16.63 9.45 21.43
N PHE D 45 17.60 9.97 20.71
CA PHE D 45 17.35 10.70 19.49
C PHE D 45 18.40 10.27 18.49
N GLY D 46 17.96 9.91 17.31
CA GLY D 46 18.86 9.38 16.29
C GLY D 46 18.25 9.41 14.89
N SER D 47 19.05 8.99 13.91
CA SER D 47 18.53 8.82 12.57
C SER D 47 18.34 7.32 12.29
N ILE D 48 17.25 6.98 11.60
CA ILE D 48 17.01 5.62 11.14
C ILE D 48 17.93 5.35 9.97
N GLY D 49 18.81 4.36 10.13
CA GLY D 49 19.88 4.12 9.17
C GLY D 49 19.50 3.22 8.01
N THR D 50 18.49 2.39 8.22
CA THR D 50 18.16 1.35 7.26
C THR D 50 16.67 1.32 6.93
N GLY D 51 16.33 0.47 5.97
CA GLY D 51 14.94 0.24 5.58
C GLY D 51 14.35 1.39 4.77
N ASP D 52 13.03 1.39 4.64
CA ASP D 52 12.30 2.34 3.78
C ASP D 52 12.26 3.74 4.40
N HIS D 53 12.44 3.83 5.72
CA HIS D 53 12.51 5.10 6.43
C HIS D 53 13.95 5.59 6.67
N ALA D 54 14.90 5.03 5.93
CA ALA D 54 16.28 5.47 5.99
C ALA D 54 16.36 6.98 5.89
N GLY D 55 17.04 7.63 6.83
CA GLY D 55 17.17 9.08 6.77
C GLY D 55 16.11 9.85 7.54
N SER D 56 15.02 9.21 7.96
CA SER D 56 14.11 9.90 8.89
C SER D 56 14.77 9.87 10.25
N LEU D 57 14.34 10.78 11.13
CA LEU D 57 14.83 10.84 12.50
C LEU D 57 13.81 10.16 13.41
N ILE D 58 14.29 9.65 14.55
CA ILE D 58 13.43 8.96 15.51
C ILE D 58 13.77 9.46 16.92
N PHE D 59 12.73 9.58 17.74
CA PHE D 59 12.85 10.06 19.11
C PHE D 59 12.21 9.00 19.97
N ILE D 60 12.87 8.59 21.05
CA ILE D 60 12.35 7.53 21.90
C ILE D 60 12.29 8.03 23.33
N GLN D 61 11.15 7.85 23.98
CA GLN D 61 10.91 8.35 25.33
C GLN D 61 10.56 7.16 26.21
N PHE D 62 11.08 7.09 27.44
CA PHE D 62 10.74 6.02 28.40
C PHE D 62 10.02 6.57 29.62
N TYR D 63 8.90 5.94 29.95
CA TYR D 63 8.13 6.34 31.11
C TYR D 63 7.69 5.10 31.88
N ASP D 64 7.63 5.25 33.19
CA ASP D 64 7.18 4.18 34.06
C ASP D 64 5.66 4.04 33.99
N ASP D 65 4.99 5.17 33.73
CA ASP D 65 3.55 5.24 33.66
C ASP D 65 3.10 6.10 32.51
N LEU D 66 1.88 5.88 32.08
CA LEU D 66 1.29 6.73 31.07
C LEU D 66 0.97 8.11 31.62
N THR D 67 0.84 8.21 32.94
CA THR D 67 0.79 9.51 33.60
C THR D 67 1.95 10.39 33.18
N GLY D 68 3.15 9.80 33.20
CA GLY D 68 4.34 10.47 32.70
C GLY D 68 4.16 11.06 31.31
N TYR D 69 3.63 10.25 30.39
CA TYR D 69 3.48 10.71 29.00
C TYR D 69 2.47 11.87 28.89
N GLN D 70 1.43 11.85 29.73
CA GLN D 70 0.47 12.93 29.77
C GLN D 70 1.09 14.26 30.23
N LYS D 71 1.98 14.19 31.22
CA LYS D 71 2.70 15.38 31.68
C LYS D 71 3.58 15.89 30.54
N ALA D 72 4.22 14.96 29.84
CA ALA D 72 5.03 15.30 28.69
C ALA D 72 4.22 16.03 27.64
N LEU D 73 2.99 15.57 27.38
CA LEU D 73 2.11 16.28 26.44
C LEU D 73 1.82 17.72 26.89
N GLU D 74 1.65 17.92 28.21
CA GLU D 74 1.43 19.25 28.78
C GLU D 74 2.69 20.11 28.64
N ILE D 75 3.85 19.47 28.75
CA ILE D 75 5.14 20.15 28.52
C ILE D 75 5.32 20.62 27.06
N GLN D 76 4.79 19.87 26.10
CA GLN D 76 4.87 20.27 24.71
C GLN D 76 4.19 21.58 24.43
N SER D 77 2.92 21.66 24.79
CA SER D 77 2.12 22.85 24.56
C SER D 77 2.78 24.14 25.05
N LYS D 78 3.55 24.03 26.13
CA LYS D 78 4.24 25.19 26.72
C LYS D 78 5.67 25.41 26.19
N SER D 79 6.25 24.43 25.50
CA SER D 79 7.67 24.49 25.10
C SER D 79 7.96 25.37 23.88
N SER D 80 8.88 26.31 24.05
CA SER D 80 9.35 27.18 22.97
C SER D 80 10.22 26.42 21.98
N VAL D 81 11.08 25.54 22.51
CA VAL D 81 11.90 24.64 21.69
C VAL D 81 11.03 23.80 20.74
N PHE D 82 9.96 23.24 21.28
CA PHE D 82 9.02 22.45 20.49
C PHE D 82 8.28 23.30 19.45
N LYS D 83 7.85 24.50 19.85
CA LYS D 83 7.17 25.41 18.90
C LYS D 83 8.08 25.77 17.71
N GLU D 84 9.35 26.01 18.00
CA GLU D 84 10.33 26.39 16.99
C GLU D 84 10.47 25.32 15.94
N ILE D 85 10.61 24.07 16.39
CA ILE D 85 10.75 22.94 15.49
C ILE D 85 9.54 22.87 14.56
N MSE D 86 8.35 23.01 15.14
CA MSE D 86 7.10 22.95 14.40
C MSE D 86 6.92 24.12 13.44
O MSE D 86 6.46 23.95 12.31
CB MSE D 86 5.92 22.95 15.40
CG MSE D 86 5.85 21.71 16.30
SE MSE D 86 5.78 20.07 15.27
CE MSE D 86 7.54 19.31 15.69
N ASP D 87 7.26 25.31 13.91
CA ASP D 87 7.15 26.53 13.11
C ASP D 87 8.19 26.57 11.98
N SER D 88 9.26 25.78 12.08
CA SER D 88 10.32 25.81 11.06
C SER D 88 9.83 25.30 9.71
N GLY D 89 8.87 24.37 9.73
CA GLY D 89 8.41 23.71 8.51
C GLY D 89 9.43 22.76 7.93
N LYS D 90 10.47 22.45 8.72
CA LYS D 90 11.57 21.56 8.30
C LYS D 90 11.50 20.18 8.96
N ALA D 91 10.51 19.96 9.83
CA ALA D 91 10.30 18.67 10.49
C ALA D 91 8.84 18.25 10.37
N ASN D 92 8.59 17.05 9.84
CA ASN D 92 7.25 16.53 9.77
C ASN D 92 7.15 15.17 10.49
N ILE D 93 6.39 15.16 11.59
CA ILE D 93 6.10 13.93 12.32
C ILE D 93 5.08 13.13 11.53
N TYR D 94 5.41 11.92 11.13
CA TYR D 94 4.43 11.10 10.38
C TYR D 94 4.08 9.78 11.03
N LEU D 95 4.68 9.50 12.17
CA LEU D 95 4.37 8.30 12.88
C LEU D 95 4.69 8.50 14.36
N ARG D 96 3.76 8.06 15.22
CA ARG D 96 4.04 7.91 16.64
C ARG D 96 3.28 6.73 17.22
N ASN D 97 3.98 5.85 17.92
CA ASN D 97 3.31 4.75 18.62
C ASN D 97 3.88 4.48 20.00
N ILE D 98 3.12 3.73 20.80
CA ILE D 98 3.44 3.44 22.18
C ILE D 98 3.67 1.96 22.27
N SER D 99 4.69 1.56 23.02
CA SER D 99 4.99 0.15 23.25
C SER D 99 5.08 -0.15 24.76
N THR D 100 4.72 -1.37 25.17
CA THR D 100 4.96 -1.76 26.54
C THR D 100 6.45 -2.05 26.65
N SER D 101 6.98 -2.03 27.87
CA SER D 101 8.30 -2.57 28.16
C SER D 101 8.19 -3.51 29.35
N LEU D 102 8.43 -4.80 29.12
CA LEU D 102 8.26 -5.82 30.13
C LEU D 102 9.60 -6.12 30.81
N PRO D 103 9.55 -6.52 32.11
CA PRO D 103 10.68 -7.07 32.82
C PRO D 103 11.41 -8.21 32.09
N THR D 104 12.72 -8.04 31.92
CA THR D 104 13.58 -9.06 31.31
C THR D 104 14.80 -9.31 32.18
N LYS D 105 15.30 -10.53 32.12
CA LYS D 105 16.44 -10.94 32.92
C LYS D 105 17.69 -10.55 32.15
N PHE D 106 18.03 -9.26 32.15
CA PHE D 106 19.19 -8.74 31.41
C PHE D 106 19.85 -7.65 32.23
N GLU D 107 21.17 -7.68 32.32
CA GLU D 107 21.87 -6.69 33.13
C GLU D 107 22.04 -5.37 32.37
N GLN D 108 21.21 -4.38 32.69
CA GLN D 108 21.20 -3.11 31.96
C GLN D 108 22.44 -2.30 32.30
N SER D 109 23.01 -1.66 31.28
CA SER D 109 24.08 -0.70 31.46
C SER D 109 23.53 0.72 31.27
N TYR D 110 24.18 1.69 31.90
CA TYR D 110 23.75 3.07 31.73
C TYR D 110 24.51 3.77 30.60
N GLU D 111 25.46 3.07 29.98
CA GLU D 111 26.21 3.59 28.86
C GLU D 111 25.25 4.06 27.79
N HIS D 112 25.40 5.30 27.35
CA HIS D 112 24.60 5.80 26.23
C HIS D 112 25.00 5.04 24.97
N PRO D 113 24.03 4.42 24.27
CA PRO D 113 24.39 3.62 23.11
C PRO D 113 24.71 4.47 21.90
N LYS D 114 25.59 3.96 21.04
CA LYS D 114 25.89 4.68 19.82
C LYS D 114 24.96 4.20 18.71
N TYR D 115 24.50 2.96 18.80
CA TYR D 115 23.51 2.39 17.87
C TYR D 115 22.43 1.62 18.64
N ILE D 116 21.19 1.68 18.13
CA ILE D 116 20.08 0.84 18.58
C ILE D 116 19.55 -0.03 17.42
N VAL D 117 19.26 -1.30 17.72
CA VAL D 117 18.58 -2.15 16.72
C VAL D 117 17.15 -2.45 17.21
N LEU D 118 16.15 -2.04 16.43
CA LEU D 118 14.73 -2.35 16.69
C LEU D 118 14.38 -3.53 15.83
N THR D 119 13.81 -4.57 16.45
CA THR D 119 13.29 -5.74 15.70
C THR D 119 11.83 -5.86 16.07
N ARG D 120 10.99 -6.10 15.07
CA ARG D 120 9.56 -6.22 15.28
C ARG D 120 9.12 -7.58 14.73
N ALA D 121 8.25 -8.29 15.46
CA ALA D 121 7.80 -9.63 15.05
C ALA D 121 6.31 -9.89 15.28
N GLU D 122 5.76 -10.80 14.50
CA GLU D 122 4.36 -11.26 14.62
C GLU D 122 4.34 -12.57 15.38
N ALA D 123 3.46 -12.69 16.35
CA ALA D 123 3.28 -13.94 17.06
C ALA D 123 1.95 -13.90 17.79
N ALA D 124 1.39 -15.06 18.09
CA ALA D 124 0.15 -15.13 18.86
C ALA D 124 0.34 -14.49 20.24
N MSE D 125 -0.73 -13.89 20.79
CA MSE D 125 -0.62 -13.32 22.14
CA MSE D 125 -0.74 -13.34 22.16
C MSE D 125 -0.52 -14.44 23.18
O MSE D 125 0.03 -14.23 24.25
CB MSE D 125 -1.75 -12.32 22.45
CB MSE D 125 -2.10 -12.68 22.43
CG MSE D 125 -1.28 -11.09 23.27
CG MSE D 125 -2.30 -12.21 23.87
SE MSE D 125 -0.13 -9.78 22.31
SE MSE D 125 -3.99 -11.31 24.11
CE MSE D 125 -0.24 -8.29 23.64
CE MSE D 125 -3.48 -9.39 23.63
N SER D 126 -1.02 -15.63 22.81
CA SER D 126 -0.89 -16.82 23.64
C SER D 126 0.54 -17.37 23.73
N ASP D 127 1.44 -16.93 22.86
CA ASP D 127 2.84 -17.33 22.95
C ASP D 127 3.68 -16.28 23.68
N LYS D 128 3.01 -15.35 24.37
CA LYS D 128 3.66 -14.26 25.08
C LYS D 128 4.79 -14.75 25.96
N ASP D 129 4.54 -15.83 26.72
CA ASP D 129 5.51 -16.34 27.71
C ASP D 129 6.67 -17.14 27.11
N LYS D 130 6.36 -17.97 26.10
CA LYS D 130 7.39 -18.62 25.30
C LYS D 130 8.35 -17.56 24.76
N PHE D 131 7.79 -16.47 24.23
CA PHE D 131 8.56 -15.36 23.67
C PHE D 131 9.53 -14.76 24.71
N LEU D 132 8.99 -14.43 25.88
CA LEU D 132 9.78 -13.83 26.95
C LEU D 132 10.88 -14.77 27.47
N ASN D 133 10.58 -16.07 27.51
CA ASN D 133 11.55 -17.08 27.96
C ASN D 133 12.72 -17.15 27.01
N CYS D 134 12.44 -17.16 25.70
CA CYS D 134 13.49 -17.13 24.69
C CYS D 134 14.37 -15.91 24.83
N ILE D 135 13.74 -14.76 24.99
CA ILE D 135 14.48 -13.51 25.16
C ILE D 135 15.38 -13.65 26.39
N ASN D 136 14.87 -14.18 27.49
CA ASN D 136 15.70 -14.37 28.67
C ASN D 136 16.78 -15.45 28.51
N ASP D 137 16.51 -16.50 27.75
CA ASP D 137 17.50 -17.56 27.52
C ASP D 137 18.64 -17.08 26.62
N THR D 138 18.41 -16.04 25.82
CA THR D 138 19.44 -15.48 24.95
C THR D 138 20.13 -14.23 25.52
N ALA D 139 19.74 -13.81 26.72
CA ALA D 139 20.27 -12.59 27.32
C ALA D 139 21.78 -12.51 27.28
N SER D 140 22.44 -13.64 27.50
CA SER D 140 23.89 -13.70 27.57
C SER D 140 24.52 -13.50 26.19
N CYS D 141 23.83 -13.91 25.11
CA CYS D 141 24.33 -13.64 23.76
C CYS D 141 24.58 -12.17 23.58
N PHE D 142 23.63 -11.38 24.08
CA PHE D 142 23.68 -9.93 23.93
C PHE D 142 24.76 -9.34 24.81
N LYS D 143 24.69 -9.65 26.10
CA LYS D 143 25.56 -9.01 27.07
C LYS D 143 26.99 -9.38 26.76
N ASP D 144 27.21 -10.68 26.53
CA ASP D 144 28.56 -11.20 26.30
C ASP D 144 29.22 -10.55 25.10
N ASN D 145 28.44 -10.22 24.06
CA ASN D 145 29.02 -9.64 22.86
C ASN D 145 28.98 -8.13 22.79
N GLY D 146 28.59 -7.48 23.89
CA GLY D 146 28.72 -6.03 24.02
C GLY D 146 27.45 -5.19 24.15
N ALA D 147 26.28 -5.83 24.08
CA ALA D 147 25.01 -5.12 24.17
C ALA D 147 24.97 -4.35 25.47
N LEU D 148 24.37 -3.17 25.43
CA LEU D 148 24.28 -2.29 26.57
C LEU D 148 22.95 -2.40 27.28
N THR D 149 21.88 -2.38 26.49
CA THR D 149 20.50 -2.33 26.98
C THR D 149 19.62 -3.24 26.14
N LEU D 150 18.59 -3.82 26.77
CA LEU D 150 17.61 -4.69 26.11
C LEU D 150 16.21 -4.43 26.63
N ARG D 151 15.32 -3.93 25.78
CA ARG D 151 13.95 -3.70 26.15
C ARG D 151 13.04 -4.48 25.22
N PHE D 152 11.90 -4.90 25.75
CA PHE D 152 11.05 -5.83 25.05
C PHE D 152 9.58 -5.67 25.45
N GLY D 153 8.67 -5.80 24.48
CA GLY D 153 7.25 -5.68 24.78
C GLY D 153 6.45 -5.70 23.51
N ASN D 154 5.22 -5.21 23.57
CA ASN D 154 4.34 -5.15 22.39
C ASN D 154 3.88 -3.73 22.05
N LEU D 155 3.69 -3.49 20.77
CA LEU D 155 3.04 -2.25 20.36
C LEU D 155 1.63 -2.18 20.87
N LEU D 156 1.33 -1.10 21.58
CA LEU D 156 -0.02 -0.83 22.07
C LEU D 156 -0.89 -0.16 21.03
N THR D 157 -0.27 0.57 20.10
CA THR D 157 -1.00 1.39 19.15
C THR D 157 -0.43 1.25 17.75
N GLY D 158 -1.21 1.73 16.77
CA GLY D 158 -0.74 1.83 15.41
C GLY D 158 -1.21 0.68 14.54
N SER D 159 -0.76 0.71 13.28
CA SER D 159 -1.10 -0.33 12.30
C SER D 159 -0.39 -1.65 12.54
N ASN D 160 0.58 -1.67 13.44
CA ASN D 160 1.24 -2.91 13.83
C ASN D 160 0.95 -3.27 15.29
N VAL D 161 -0.20 -2.77 15.79
CA VAL D 161 -0.62 -3.04 17.14
C VAL D 161 -0.58 -4.54 17.40
N GLY D 162 -0.01 -4.94 18.54
CA GLY D 162 0.11 -6.36 18.86
C GLY D 162 1.48 -6.97 18.52
N ASN D 163 2.16 -6.46 17.50
CA ASN D 163 3.47 -6.98 17.20
C ASN D 163 4.38 -6.91 18.47
N TYR D 164 5.28 -7.87 18.59
CA TYR D 164 6.30 -7.83 19.60
C TYR D 164 7.38 -6.89 19.07
N LEU D 165 8.04 -6.18 19.98
CA LEU D 165 9.06 -5.22 19.63
C LEU D 165 10.27 -5.40 20.56
N LEU D 166 11.46 -5.43 19.97
CA LEU D 166 12.68 -5.57 20.73
C LEU D 166 13.58 -4.41 20.39
N GLY D 167 14.12 -3.76 21.41
CA GLY D 167 15.12 -2.71 21.25
C GLY D 167 16.39 -3.07 21.98
N VAL D 168 17.54 -2.98 21.32
CA VAL D 168 18.83 -3.30 21.94
C VAL D 168 19.85 -2.23 21.63
N GLY D 169 20.50 -1.70 22.68
CA GLY D 169 21.51 -0.66 22.55
C GLY D 169 22.90 -1.26 22.42
N TYR D 170 23.74 -0.64 21.60
CA TYR D 170 25.06 -1.16 21.31
C TYR D 170 26.09 -0.03 21.27
N PRO D 171 27.33 -0.35 21.63
CA PRO D 171 28.41 0.61 21.58
C PRO D 171 29.01 0.79 20.21
N SER D 172 28.77 -0.18 19.33
CA SER D 172 29.40 -0.21 18.01
C SER D 172 28.76 -1.25 17.10
N MSE D 173 29.03 -1.13 15.81
CA MSE D 173 28.50 -2.06 14.87
C MSE D 173 29.19 -3.43 14.95
O MSE D 173 28.57 -4.48 14.65
CB MSE D 173 28.54 -1.45 13.47
CG MSE D 173 27.59 -0.23 13.36
SE MSE D 173 27.15 0.17 11.52
CE MSE D 173 27.05 2.17 11.51
N GLU D 174 30.43 -3.44 15.39
CA GLU D 174 31.13 -4.68 15.67
C GLU D 174 30.35 -5.50 16.69
N ALA D 175 29.90 -4.83 17.75
CA ALA D 175 29.17 -5.51 18.80
C ALA D 175 27.86 -6.09 18.22
N ILE D 176 27.28 -5.39 17.26
CA ILE D 176 26.08 -5.91 16.57
C ILE D 176 26.44 -7.18 15.78
N GLU D 177 27.50 -7.13 15.00
CA GLU D 177 27.99 -8.31 14.27
C GLU D 177 28.22 -9.52 15.18
N LYS D 178 28.96 -9.31 16.27
CA LYS D 178 29.29 -10.41 17.17
C LYS D 178 28.05 -10.98 17.86
N THR D 179 27.13 -10.11 18.24
CA THR D 179 25.87 -10.53 18.83
C THR D 179 25.08 -11.44 17.89
N TYR D 180 24.95 -11.00 16.63
CA TYR D 180 24.15 -11.76 15.68
C TYR D 180 24.86 -13.04 15.23
N ASP D 181 26.18 -13.03 15.20
CA ASP D 181 26.96 -14.25 14.96
C ASP D 181 26.56 -15.33 15.96
N GLU D 182 26.54 -14.98 17.24
CA GLU D 182 26.16 -15.95 18.28
C GLU D 182 24.67 -16.24 18.26
N LEU D 183 23.85 -15.20 18.17
CA LEU D 183 22.40 -15.33 18.34
C LEU D 183 21.75 -16.27 17.34
N LEU D 184 22.14 -16.13 16.07
CA LEU D 184 21.57 -16.96 14.99
C LEU D 184 21.84 -18.45 15.20
N ALA D 185 22.94 -18.77 15.87
CA ALA D 185 23.33 -20.15 16.14
C ALA D 185 23.01 -20.61 17.57
N HIS D 186 21.92 -20.13 18.14
CA HIS D 186 21.54 -20.39 19.55
C HIS D 186 20.19 -21.07 19.54
N SER D 187 20.04 -22.15 20.30
CA SER D 187 18.83 -22.99 20.22
C SER D 187 17.54 -22.23 20.48
N SER D 188 17.55 -21.38 21.51
CA SER D 188 16.38 -20.53 21.83
C SER D 188 15.95 -19.58 20.71
N TYR D 189 16.91 -19.08 19.94
CA TYR D 189 16.60 -18.27 18.77
C TYR D 189 15.89 -19.13 17.70
N LYS D 190 16.52 -20.26 17.34
CA LYS D 190 15.95 -21.23 16.39
C LYS D 190 14.54 -21.65 16.80
N GLU D 191 14.32 -21.77 18.10
CA GLU D 191 13.01 -22.06 18.66
C GLU D 191 12.00 -20.94 18.48
N LEU D 192 12.45 -19.71 18.70
CA LEU D 192 11.59 -18.55 18.52
C LEU D 192 11.10 -18.45 17.09
N MSE D 193 11.97 -18.83 16.15
CA MSE D 193 11.66 -18.75 14.73
C MSE D 193 10.67 -19.80 14.26
O MSE D 193 10.34 -19.84 13.08
CB MSE D 193 12.94 -18.88 13.91
CG MSE D 193 13.97 -17.80 14.18
SE MSE D 193 13.27 -16.03 13.80
CE MSE D 193 12.78 -15.36 15.65
N THR D 194 10.21 -20.66 15.16
CA THR D 194 9.17 -21.60 14.83
C THR D 194 7.78 -21.05 15.16
N PHE D 195 7.71 -20.00 15.97
CA PHE D 195 6.41 -19.36 16.33
C PHE D 195 6.36 -17.84 16.24
N ALA D 196 7.40 -17.20 15.73
CA ALA D 196 7.44 -15.75 15.57
C ALA D 196 8.08 -15.45 14.23
N LYS D 197 7.51 -14.50 13.48
CA LYS D 197 8.07 -14.07 12.21
C LYS D 197 8.49 -12.61 12.35
N VAL D 198 9.78 -12.36 12.14
CA VAL D 198 10.30 -10.99 12.16
C VAL D 198 9.79 -10.37 10.90
N ASN D 199 9.18 -9.19 11.03
CA ASN D 199 8.66 -8.46 9.89
C ASN D 199 9.36 -7.13 9.66
N MSE D 200 10.36 -6.82 10.48
CA MSE D 200 11.13 -5.59 10.35
C MSE D 200 12.35 -5.59 11.30
O MSE D 200 12.26 -6.03 12.45
CB MSE D 200 10.22 -4.38 10.61
CG MSE D 200 10.93 -3.02 10.57
SE MSE D 200 11.30 -2.33 12.34
CE MSE D 200 10.11 -0.95 12.19
N ARG D 201 13.50 -5.12 10.79
CA ARG D 201 14.68 -4.89 11.63
C ARG D 201 15.47 -3.70 11.13
N ASN D 202 15.88 -2.82 12.01
CA ASN D 202 16.53 -1.59 11.54
C ASN D 202 17.52 -1.06 12.56
N ILE D 203 18.51 -0.32 12.08
CA ILE D 203 19.55 0.28 12.92
C ILE D 203 19.22 1.77 13.07
N ILE D 204 19.35 2.29 14.29
CA ILE D 204 19.30 3.72 14.54
C ILE D 204 20.66 4.20 15.01
N LYS D 205 21.13 5.29 14.42
CA LYS D 205 22.42 5.89 14.79
C LYS D 205 22.16 7.06 15.72
N ILE D 206 22.58 6.93 16.99
CA ILE D 206 22.30 7.96 17.96
C ILE D 206 23.01 9.23 17.57
N LEU D 207 22.28 10.34 17.56
CA LEU D 207 22.86 11.64 17.22
C LEU D 207 23.03 12.43 18.52
N SER E 3 -12.31 5.13 -35.06
CA SER E 3 -12.20 3.64 -35.24
C SER E 3 -10.88 3.22 -35.91
N ASN E 4 -9.93 4.15 -36.02
CA ASN E 4 -8.52 3.81 -36.27
C ASN E 4 -7.82 3.31 -34.98
N ILE E 5 -8.44 3.61 -33.82
CA ILE E 5 -7.97 3.11 -32.52
C ILE E 5 -8.30 1.61 -32.41
N ASN E 6 -7.37 0.85 -31.83
CA ASN E 6 -7.59 -0.55 -31.50
C ASN E 6 -7.54 -0.67 -29.99
N TYR E 7 -7.66 -1.91 -29.48
CA TYR E 7 -7.62 -2.14 -28.04
C TYR E 7 -6.79 -3.33 -27.68
N VAL E 8 -6.32 -3.31 -26.44
CA VAL E 8 -5.45 -4.33 -25.87
C VAL E 8 -5.91 -4.68 -24.48
N ILE E 9 -6.15 -5.97 -24.22
CA ILE E 9 -6.51 -6.43 -22.87
C ILE E 9 -5.29 -7.13 -22.30
N LEU E 10 -4.95 -6.78 -21.07
CA LEU E 10 -3.82 -7.40 -20.42
C LEU E 10 -4.31 -8.06 -19.14
N THR E 11 -4.04 -9.36 -18.97
CA THR E 11 -4.47 -10.06 -17.78
C THR E 11 -3.26 -10.65 -17.10
N VAL E 12 -3.23 -10.55 -15.77
CA VAL E 12 -2.12 -11.06 -14.97
C VAL E 12 -2.64 -12.05 -13.93
N ALA E 13 -2.00 -13.22 -13.85
CA ALA E 13 -2.40 -14.26 -12.89
C ALA E 13 -1.18 -14.83 -12.20
N SER E 14 -1.35 -15.17 -10.93
CA SER E 14 -0.34 -15.96 -10.25
C SER E 14 -0.64 -17.41 -10.54
N VAL E 15 0.39 -18.19 -10.84
CA VAL E 15 0.18 -19.57 -11.25
C VAL E 15 1.23 -20.45 -10.62
N ASP E 16 0.81 -21.56 -10.04
CA ASP E 16 1.75 -22.49 -9.41
C ASP E 16 2.81 -22.85 -10.43
N PHE E 17 4.07 -22.89 -10.00
CA PHE E 17 5.16 -23.12 -10.94
C PHE E 17 5.01 -24.45 -11.71
N SER E 18 4.54 -25.50 -11.03
CA SER E 18 4.39 -26.81 -11.66
C SER E 18 3.39 -26.82 -12.82
N TYR E 19 2.38 -25.96 -12.73
CA TYR E 19 1.30 -25.94 -13.73
C TYR E 19 1.67 -25.15 -14.97
N ARG E 20 2.80 -24.46 -14.93
CA ARG E 20 3.20 -23.51 -15.98
C ARG E 20 3.16 -24.06 -17.39
N GLU E 21 3.72 -25.24 -17.56
CA GLU E 21 3.82 -25.81 -18.90
C GLU E 21 2.46 -26.27 -19.43
N THR E 22 1.66 -26.86 -18.56
CA THR E 22 0.29 -27.22 -18.90
C THR E 22 -0.56 -26.00 -19.25
N MSE E 23 -0.43 -24.97 -18.43
CA MSE E 23 -1.09 -23.71 -18.63
C MSE E 23 -0.84 -23.20 -20.05
O MSE E 23 -1.78 -22.86 -20.75
CB MSE E 23 -0.51 -22.74 -17.60
CG MSE E 23 -1.14 -21.40 -17.58
SE MSE E 23 -2.89 -21.49 -16.86
CE MSE E 23 -3.53 -19.68 -17.55
N ALA E 24 0.43 -23.15 -20.46
CA ALA E 24 0.85 -22.71 -21.79
C ALA E 24 0.16 -23.48 -22.89
N ARG E 25 0.09 -24.78 -22.69
CA ARG E 25 -0.52 -25.67 -23.69
C ARG E 25 -2.00 -25.39 -23.79
N LEU E 26 -2.67 -25.29 -22.64
CA LEU E 26 -4.09 -24.96 -22.63
C LEU E 26 -4.34 -23.57 -23.21
N MSE E 27 -3.43 -22.61 -22.96
CA MSE E 27 -3.61 -21.23 -23.44
C MSE E 27 -3.50 -21.05 -24.95
O MSE E 27 -4.12 -20.16 -25.49
CB MSE E 27 -2.60 -20.27 -22.78
CG MSE E 27 -2.94 -19.83 -21.36
SE MSE E 27 -4.77 -19.16 -21.17
CE MSE E 27 -4.56 -17.28 -21.70
N SER E 28 -2.67 -21.83 -25.62
CA SER E 28 -2.60 -21.72 -27.08
C SER E 28 -3.87 -22.31 -27.69
N SER E 29 -4.47 -23.32 -27.04
CA SER E 29 -5.78 -23.80 -27.47
C SER E 29 -6.80 -22.68 -27.37
N TYR E 30 -6.88 -22.08 -26.18
CA TYR E 30 -7.80 -20.99 -25.91
C TYR E 30 -7.58 -19.78 -26.84
N SER E 31 -6.32 -19.53 -27.24
CA SER E 31 -5.99 -18.48 -28.21
C SER E 31 -6.58 -18.77 -29.58
N LYS E 32 -6.42 -20.00 -30.06
CA LYS E 32 -7.01 -20.42 -31.34
C LYS E 32 -8.50 -20.04 -31.33
N ASP E 33 -9.19 -20.44 -30.26
CA ASP E 33 -10.62 -20.20 -30.08
C ASP E 33 -10.94 -18.69 -30.19
N LEU E 34 -10.13 -17.84 -29.56
CA LEU E 34 -10.35 -16.38 -29.63
C LEU E 34 -10.06 -15.79 -31.00
N ILE E 35 -8.97 -16.24 -31.62
CA ILE E 35 -8.62 -15.73 -32.95
C ILE E 35 -9.71 -16.11 -33.96
N ASP E 36 -10.13 -17.38 -33.92
CA ASP E 36 -11.07 -17.92 -34.92
C ASP E 36 -12.51 -17.46 -34.69
N ASN E 37 -12.95 -17.40 -33.44
CA ASN E 37 -14.37 -17.14 -33.12
C ASN E 37 -14.69 -15.80 -32.48
N ALA E 38 -13.71 -15.18 -31.83
CA ALA E 38 -13.93 -13.88 -31.21
C ALA E 38 -13.39 -12.74 -32.08
N GLY E 39 -12.65 -13.07 -33.14
CA GLY E 39 -12.07 -12.06 -34.01
C GLY E 39 -10.81 -11.40 -33.46
N ALA E 40 -10.19 -12.04 -32.48
CA ALA E 40 -8.97 -11.49 -31.91
C ALA E 40 -7.91 -11.43 -32.98
N LYS E 41 -7.19 -10.32 -33.02
CA LYS E 41 -6.16 -10.09 -34.02
C LYS E 41 -4.79 -10.48 -33.50
N GLY E 42 -4.72 -11.62 -32.78
CA GLY E 42 -3.48 -12.05 -32.13
C GLY E 42 -3.57 -12.09 -30.61
N THR E 43 -2.78 -12.97 -30.00
CA THR E 43 -2.59 -12.98 -28.55
C THR E 43 -1.14 -13.21 -28.23
N ARG E 44 -0.74 -12.90 -27.00
CA ARG E 44 0.61 -13.21 -26.49
C ARG E 44 0.49 -13.71 -25.05
N PHE E 45 1.28 -14.72 -24.71
CA PHE E 45 1.27 -15.35 -23.41
C PHE E 45 2.70 -15.48 -22.95
N GLY E 46 2.97 -15.06 -21.73
CA GLY E 46 4.34 -15.11 -21.23
C GLY E 46 4.39 -14.97 -19.74
N SER E 47 5.58 -15.10 -19.18
CA SER E 47 5.80 -14.85 -17.76
C SER E 47 6.46 -13.48 -17.60
N ILE E 48 6.08 -12.79 -16.54
CA ILE E 48 6.64 -11.49 -16.21
C ILE E 48 8.00 -11.73 -15.54
N GLY E 49 9.09 -11.38 -16.22
CA GLY E 49 10.44 -11.68 -15.71
C GLY E 49 11.01 -10.74 -14.64
N THR E 50 10.47 -9.53 -14.52
CA THR E 50 11.01 -8.53 -13.57
C THR E 50 9.94 -7.81 -12.74
N GLY E 51 10.41 -7.01 -11.79
CA GLY E 51 9.54 -6.18 -10.99
C GLY E 51 8.86 -6.97 -9.91
N ASP E 52 7.88 -6.35 -9.28
CA ASP E 52 7.15 -6.92 -8.13
C ASP E 52 6.23 -8.08 -8.53
N HIS E 53 5.86 -8.17 -9.80
CA HIS E 53 5.07 -9.29 -10.30
C HIS E 53 5.92 -10.37 -10.96
N ALA E 54 7.24 -10.39 -10.70
CA ALA E 54 8.12 -11.42 -11.27
C ALA E 54 7.50 -12.77 -10.98
N GLY E 55 7.37 -13.60 -12.01
CA GLY E 55 6.80 -14.94 -11.81
C GLY E 55 5.30 -15.06 -11.99
N SER E 56 4.59 -13.96 -12.10
CA SER E 56 3.24 -14.01 -12.58
C SER E 56 3.26 -14.31 -14.09
N LEU E 57 2.16 -14.85 -14.61
CA LEU E 57 1.97 -15.03 -16.04
C LEU E 57 1.06 -13.90 -16.54
N ILE E 58 1.22 -13.52 -17.81
CA ILE E 58 0.46 -12.43 -18.40
C ILE E 58 -0.12 -12.87 -19.75
N PHE E 59 -1.34 -12.45 -20.02
CA PHE E 59 -1.99 -12.75 -21.27
C PHE E 59 -2.41 -11.44 -21.92
N ILE E 60 -2.06 -11.29 -23.20
CA ILE E 60 -2.36 -10.07 -23.95
C ILE E 60 -3.24 -10.41 -25.19
N GLN E 61 -4.37 -9.72 -25.34
CA GLN E 61 -5.31 -9.93 -26.47
C GLN E 61 -5.44 -8.65 -27.27
N PHE E 62 -5.43 -8.79 -28.59
CA PHE E 62 -5.58 -7.62 -29.47
C PHE E 62 -6.93 -7.65 -30.18
N TYR E 63 -7.69 -6.56 -30.10
CA TYR E 63 -8.99 -6.41 -30.80
C TYR E 63 -9.04 -5.09 -31.55
N ASP E 64 -9.71 -5.08 -32.69
CA ASP E 64 -9.95 -3.85 -33.41
C ASP E 64 -11.05 -3.03 -32.76
N ASP E 65 -11.96 -3.71 -32.07
CA ASP E 65 -13.13 -3.10 -31.46
C ASP E 65 -13.45 -3.79 -30.17
N LEU E 66 -14.10 -3.10 -29.24
CA LEU E 66 -14.51 -3.71 -27.98
C LEU E 66 -15.58 -4.81 -28.16
N THR E 67 -16.33 -4.78 -29.27
CA THR E 67 -17.25 -5.86 -29.58
C THR E 67 -16.50 -7.17 -29.66
N GLY E 68 -15.31 -7.12 -30.24
CA GLY E 68 -14.40 -8.25 -30.22
C GLY E 68 -14.26 -8.83 -28.82
N TYR E 69 -13.93 -7.97 -27.86
CA TYR E 69 -13.71 -8.44 -26.49
C TYR E 69 -15.01 -8.98 -25.88
N GLN E 70 -16.15 -8.39 -26.22
CA GLN E 70 -17.42 -8.89 -25.76
C GLN E 70 -17.73 -10.29 -26.31
N LYS E 71 -17.33 -10.55 -27.56
CA LYS E 71 -17.50 -11.90 -28.12
C LYS E 71 -16.55 -12.84 -27.41
N ALA E 72 -15.36 -12.35 -27.06
CA ALA E 72 -14.39 -13.11 -26.29
C ALA E 72 -14.99 -13.55 -24.97
N LEU E 73 -15.64 -12.62 -24.28
CA LEU E 73 -16.29 -12.95 -23.02
C LEU E 73 -17.32 -14.08 -23.21
N GLU E 74 -18.03 -14.06 -24.33
CA GLU E 74 -19.01 -15.10 -24.64
C GLU E 74 -18.34 -16.46 -24.92
N ILE E 75 -17.15 -16.43 -25.51
CA ILE E 75 -16.39 -17.65 -25.72
C ILE E 75 -15.94 -18.27 -24.39
N GLN E 76 -15.52 -17.44 -23.44
CA GLN E 76 -15.06 -17.94 -22.14
C GLN E 76 -16.06 -18.86 -21.48
N SER E 77 -17.27 -18.32 -21.28
CA SER E 77 -18.36 -19.03 -20.60
C SER E 77 -18.60 -20.42 -21.20
N LYS E 78 -18.36 -20.57 -22.50
CA LYS E 78 -18.52 -21.84 -23.22
C LYS E 78 -17.28 -22.76 -23.23
N SER E 79 -16.10 -22.20 -22.95
CA SER E 79 -14.84 -22.93 -23.17
C SER E 79 -14.47 -23.89 -22.03
N SER E 80 -14.26 -25.14 -22.41
CA SER E 80 -13.82 -26.20 -21.49
C SER E 80 -12.41 -25.92 -21.02
N VAL E 81 -11.55 -25.55 -21.97
CA VAL E 81 -10.17 -25.14 -21.68
C VAL E 81 -10.12 -24.11 -20.54
N PHE E 82 -10.94 -23.07 -20.67
CA PHE E 82 -11.00 -22.03 -19.66
C PHE E 82 -11.54 -22.57 -18.32
N LYS E 83 -12.60 -23.37 -18.39
CA LYS E 83 -13.19 -23.99 -17.21
C LYS E 83 -12.11 -24.77 -16.43
N GLU E 84 -11.34 -25.58 -17.15
CA GLU E 84 -10.31 -26.45 -16.57
C GLU E 84 -9.26 -25.66 -15.79
N ILE E 85 -8.83 -24.54 -16.37
CA ILE E 85 -7.86 -23.68 -15.74
C ILE E 85 -8.42 -23.13 -14.42
N MSE E 86 -9.67 -22.67 -14.46
CA MSE E 86 -10.35 -22.13 -13.28
C MSE E 86 -10.57 -23.19 -12.22
O MSE E 86 -10.37 -22.94 -11.02
CB MSE E 86 -11.71 -21.54 -13.67
CG MSE E 86 -11.64 -20.39 -14.67
SE MSE E 86 -10.51 -18.90 -14.07
CE MSE E 86 -8.73 -19.52 -14.66
N ASP E 87 -11.00 -24.36 -12.67
CA ASP E 87 -11.28 -25.50 -11.80
C ASP E 87 -10.02 -26.10 -11.17
N SER E 88 -8.86 -25.82 -11.76
CA SER E 88 -7.59 -26.38 -11.28
C SER E 88 -7.20 -25.86 -9.91
N GLY E 89 -7.63 -24.63 -9.57
CA GLY E 89 -7.21 -23.99 -8.33
C GLY E 89 -5.74 -23.63 -8.40
N LYS E 90 -5.15 -23.69 -9.59
CA LYS E 90 -3.73 -23.46 -9.80
C LYS E 90 -3.43 -22.11 -10.45
N ALA E 91 -4.47 -21.41 -10.89
CA ALA E 91 -4.34 -20.10 -11.53
C ALA E 91 -5.27 -19.09 -10.86
N ASN E 92 -4.73 -17.92 -10.53
CA ASN E 92 -5.50 -16.84 -9.90
C ASN E 92 -5.29 -15.50 -10.62
N ILE E 93 -6.28 -15.12 -11.42
CA ILE E 93 -6.30 -13.84 -12.10
C ILE E 93 -6.47 -12.78 -11.06
N TYR E 94 -5.51 -11.87 -10.95
CA TYR E 94 -5.62 -10.81 -9.92
C TYR E 94 -5.61 -9.39 -10.50
N LEU E 95 -5.41 -9.28 -11.82
CA LEU E 95 -5.39 -7.97 -12.46
C LEU E 95 -5.76 -8.14 -13.93
N ARG E 96 -6.68 -7.30 -14.41
CA ARG E 96 -6.97 -7.17 -15.85
C ARG E 96 -7.32 -5.73 -16.22
N ASN E 97 -6.67 -5.22 -17.26
CA ASN E 97 -6.99 -3.89 -17.72
C ASN E 97 -6.95 -3.78 -19.22
N ILE E 98 -7.59 -2.74 -19.72
CA ILE E 98 -7.75 -2.51 -21.14
C ILE E 98 -6.98 -1.23 -21.53
N SER E 99 -6.32 -1.29 -22.68
CA SER E 99 -5.58 -0.14 -23.21
C SER E 99 -6.00 0.18 -24.65
N THR E 100 -5.95 1.46 -25.02
CA THR E 100 -6.09 1.85 -26.40
C THR E 100 -4.78 1.45 -27.09
N SER E 101 -4.85 1.32 -28.40
CA SER E 101 -3.68 1.11 -29.23
C SER E 101 -3.78 2.09 -30.40
N LEU E 102 -2.91 3.08 -30.39
CA LEU E 102 -3.00 4.20 -31.30
C LEU E 102 -2.08 3.99 -32.50
N PRO E 103 -2.46 4.50 -33.67
CA PRO E 103 -1.64 4.46 -34.88
C PRO E 103 -0.24 5.09 -34.72
N THR E 104 0.79 4.31 -35.05
CA THR E 104 2.17 4.74 -34.95
C THR E 104 2.88 4.59 -36.31
N LYS E 105 3.85 5.45 -36.58
CA LYS E 105 4.64 5.35 -37.81
C LYS E 105 5.77 4.35 -37.58
N PHE E 106 5.43 3.07 -37.47
CA PHE E 106 6.41 2.02 -37.14
C PHE E 106 6.15 0.81 -38.00
N GLU E 107 7.20 0.26 -38.59
CA GLU E 107 7.04 -0.88 -39.49
C GLU E 107 6.89 -2.18 -38.70
N GLN E 108 5.65 -2.66 -38.59
CA GLN E 108 5.38 -3.86 -37.79
C GLN E 108 5.86 -5.11 -38.48
N SER E 109 6.46 -6.02 -37.71
CA SER E 109 6.87 -7.35 -38.20
C SER E 109 5.90 -8.44 -37.78
N TYR E 110 5.85 -9.53 -38.55
CA TYR E 110 5.02 -10.70 -38.23
C TYR E 110 5.76 -11.76 -37.42
N GLU E 111 7.04 -11.52 -37.14
CA GLU E 111 7.87 -12.41 -36.34
C GLU E 111 7.38 -12.57 -34.89
N HIS E 112 7.12 -13.83 -34.51
CA HIS E 112 6.83 -14.24 -33.13
CA HIS E 112 6.82 -14.22 -33.14
C HIS E 112 7.92 -13.71 -32.19
N PRO E 113 7.59 -12.74 -31.31
CA PRO E 113 8.64 -12.22 -30.42
C PRO E 113 9.03 -13.21 -29.32
N LYS E 114 10.25 -13.06 -28.81
CA LYS E 114 10.72 -13.86 -27.69
C LYS E 114 10.54 -13.12 -26.35
N TYR E 115 10.69 -11.80 -26.37
CA TYR E 115 10.47 -10.94 -25.20
C TYR E 115 9.65 -9.73 -25.61
N ILE E 116 8.88 -9.22 -24.64
CA ILE E 116 8.20 -7.94 -24.75
C ILE E 116 8.64 -7.05 -23.59
N VAL E 117 8.90 -5.79 -23.88
CA VAL E 117 9.13 -4.82 -22.82
C VAL E 117 7.92 -3.92 -22.77
N LEU E 118 7.30 -3.84 -21.59
CA LEU E 118 6.20 -2.92 -21.33
C LEU E 118 6.75 -1.77 -20.55
N THR E 119 6.42 -0.55 -20.97
CA THR E 119 6.80 0.66 -20.23
C THR E 119 5.55 1.49 -20.00
N ARG E 120 5.42 2.03 -18.80
CA ARG E 120 4.24 2.79 -18.42
C ARG E 120 4.68 4.13 -17.86
N ALA E 121 4.01 5.19 -18.30
CA ALA E 121 4.40 6.52 -17.92
C ALA E 121 3.20 7.38 -17.61
N GLU E 122 3.47 8.42 -16.83
CA GLU E 122 2.50 9.39 -16.36
C GLU E 122 2.73 10.67 -17.14
N ALA E 123 1.69 11.25 -17.72
CA ALA E 123 1.83 12.51 -18.45
C ALA E 123 0.47 13.14 -18.66
N ALA E 124 0.44 14.46 -18.82
CA ALA E 124 -0.81 15.16 -19.11
C ALA E 124 -1.49 14.56 -20.34
N MSE E 125 -2.83 14.52 -20.35
CA MSE E 125 -3.56 14.13 -21.57
C MSE E 125 -3.41 15.21 -22.65
O MSE E 125 -3.50 14.92 -23.84
CB MSE E 125 -5.06 13.84 -21.31
CG MSE E 125 -5.38 12.47 -20.66
SE MSE E 125 -4.77 10.78 -21.57
CE MSE E 125 -5.65 10.93 -23.41
N SER E 126 -3.15 16.45 -22.24
CA SER E 126 -2.86 17.55 -23.16
C SER E 126 -1.49 17.43 -23.86
N ASP E 127 -0.63 16.54 -23.37
CA ASP E 127 0.63 16.23 -24.04
C ASP E 127 0.53 14.99 -24.93
N LYS E 128 -0.68 14.52 -25.22
CA LYS E 128 -0.87 13.29 -25.99
C LYS E 128 -0.15 13.29 -27.34
N ASP E 129 -0.16 14.43 -28.01
CA ASP E 129 0.38 14.56 -29.36
C ASP E 129 1.91 14.69 -29.37
N LYS E 130 2.42 15.51 -28.46
CA LYS E 130 3.86 15.63 -28.26
C LYS E 130 4.41 14.23 -27.99
N PHE E 131 3.71 13.46 -27.16
CA PHE E 131 4.04 12.07 -26.86
C PHE E 131 4.11 11.19 -28.09
N LEU E 132 3.04 11.19 -28.87
CA LEU E 132 2.99 10.38 -30.08
C LEU E 132 4.08 10.75 -31.05
N ASN E 133 4.42 12.03 -31.12
CA ASN E 133 5.46 12.50 -32.05
C ASN E 133 6.85 12.02 -31.63
N CYS E 134 7.13 12.01 -30.33
CA CYS E 134 8.38 11.41 -29.83
C CYS E 134 8.46 9.97 -30.24
N ILE E 135 7.39 9.23 -29.99
CA ILE E 135 7.34 7.81 -30.32
C ILE E 135 7.62 7.60 -31.80
N ASN E 136 7.05 8.47 -32.64
CA ASN E 136 7.31 8.39 -34.09
C ASN E 136 8.73 8.83 -34.49
N ASP E 137 9.29 9.82 -33.82
CA ASP E 137 10.64 10.28 -34.14
C ASP E 137 11.70 9.23 -33.79
N THR E 138 11.43 8.42 -32.77
CA THR E 138 12.35 7.40 -32.32
C THR E 138 12.02 6.01 -32.89
N ALA E 139 11.02 5.91 -33.77
CA ALA E 139 10.64 4.62 -34.30
C ALA E 139 11.80 3.89 -34.99
N SER E 140 12.75 4.63 -35.54
CA SER E 140 13.94 4.03 -36.15
C SER E 140 14.89 3.41 -35.13
N CYS E 141 15.04 4.03 -33.95
CA CYS E 141 15.87 3.45 -32.87
C CYS E 141 15.51 2.00 -32.59
N PHE E 142 14.22 1.73 -32.58
CA PHE E 142 13.71 0.40 -32.28
C PHE E 142 13.94 -0.50 -33.49
N LYS E 143 13.44 -0.08 -34.65
CA LYS E 143 13.50 -0.94 -35.82
C LYS E 143 14.93 -1.27 -36.19
N ASP E 144 15.79 -0.27 -36.22
CA ASP E 144 17.18 -0.46 -36.61
C ASP E 144 17.91 -1.42 -35.68
N ASN E 145 17.53 -1.44 -34.40
CA ASN E 145 18.24 -2.25 -33.43
C ASN E 145 17.57 -3.60 -33.13
N GLY E 146 16.55 -3.96 -33.92
CA GLY E 146 15.98 -5.29 -33.86
C GLY E 146 14.57 -5.43 -33.34
N ALA E 147 13.93 -4.33 -32.96
CA ALA E 147 12.55 -4.37 -32.45
C ALA E 147 11.57 -4.84 -33.52
N LEU E 148 10.64 -5.69 -33.11
CA LEU E 148 9.74 -6.38 -34.02
C LEU E 148 8.43 -5.66 -34.16
N THR E 149 7.83 -5.32 -33.02
CA THR E 149 6.52 -4.70 -32.97
C THR E 149 6.52 -3.57 -31.98
N LEU E 150 5.68 -2.58 -32.24
CA LEU E 150 5.49 -1.48 -31.30
C LEU E 150 4.04 -1.01 -31.24
N ARG E 151 3.49 -1.05 -30.04
CA ARG E 151 2.13 -0.59 -29.73
C ARG E 151 2.15 0.42 -28.56
N PHE E 152 1.33 1.44 -28.68
CA PHE E 152 1.39 2.57 -27.80
C PHE E 152 -0.02 3.10 -27.59
N GLY E 153 -0.35 3.49 -26.36
CA GLY E 153 -1.68 4.02 -26.04
C GLY E 153 -1.85 4.43 -24.59
N ASN E 154 -3.08 4.47 -24.12
CA ASN E 154 -3.37 4.78 -22.74
C ASN E 154 -4.24 3.72 -22.08
N LEU E 155 -3.95 3.45 -20.82
CA LEU E 155 -4.77 2.54 -20.04
C LEU E 155 -6.13 3.21 -19.90
N LEU E 156 -7.18 2.52 -20.36
CA LEU E 156 -8.57 2.97 -20.17
C LEU E 156 -9.12 2.61 -18.80
N THR E 157 -8.61 1.53 -18.19
CA THR E 157 -9.16 1.06 -16.92
C THR E 157 -8.06 0.89 -15.88
N GLY E 158 -8.46 0.73 -14.63
CA GLY E 158 -7.56 0.36 -13.56
C GLY E 158 -7.11 1.48 -12.65
N SER E 159 -6.24 1.13 -11.73
CA SER E 159 -5.73 2.07 -10.79
C SER E 159 -4.62 2.91 -11.39
N ASN E 160 -4.18 2.58 -12.60
CA ASN E 160 -3.28 3.47 -13.37
C ASN E 160 -3.95 4.04 -14.62
N VAL E 161 -5.28 4.22 -14.56
CA VAL E 161 -6.06 4.74 -15.68
C VAL E 161 -5.48 6.07 -16.09
N GLY E 162 -5.31 6.27 -17.40
CA GLY E 162 -4.71 7.50 -17.93
C GLY E 162 -3.23 7.33 -18.25
N ASN E 163 -2.51 6.48 -17.53
CA ASN E 163 -1.08 6.30 -17.86
C ASN E 163 -0.92 5.88 -19.33
N TYR E 164 0.16 6.38 -19.94
CA TYR E 164 0.55 5.96 -21.25
C TYR E 164 1.23 4.63 -21.12
N LEU E 165 1.03 3.75 -22.09
CA LEU E 165 1.59 2.40 -22.05
C LEU E 165 2.26 2.10 -23.39
N LEU E 166 3.50 1.62 -23.34
CA LEU E 166 4.23 1.23 -24.55
C LEU E 166 4.54 -0.26 -24.44
N GLY E 167 4.31 -1.00 -25.52
CA GLY E 167 4.70 -2.42 -25.61
C GLY E 167 5.54 -2.64 -26.84
N VAL E 168 6.72 -3.24 -26.69
CA VAL E 168 7.67 -3.41 -27.79
C VAL E 168 8.17 -4.84 -27.81
N GLY E 169 8.04 -5.50 -28.96
CA GLY E 169 8.46 -6.89 -29.08
C GLY E 169 9.90 -6.97 -29.54
N TYR E 170 10.61 -7.99 -29.06
CA TYR E 170 12.04 -8.17 -29.36
C TYR E 170 12.37 -9.63 -29.52
N PRO E 171 13.39 -9.94 -30.36
CA PRO E 171 13.77 -11.33 -30.70
C PRO E 171 14.77 -11.88 -29.70
N SER E 172 15.37 -10.99 -28.94
CA SER E 172 16.41 -11.35 -28.01
C SER E 172 16.72 -10.20 -27.09
N MSE E 173 17.47 -10.52 -26.06
CA MSE E 173 17.92 -9.51 -25.11
C MSE E 173 18.92 -8.53 -25.68
O MSE E 173 18.91 -7.35 -25.33
CB MSE E 173 18.63 -10.20 -23.96
CG MSE E 173 17.71 -11.09 -23.22
SE MSE E 173 17.33 -10.30 -21.60
CE MSE E 173 15.88 -11.49 -20.97
N GLU E 174 19.79 -9.02 -26.55
CA GLU E 174 20.76 -8.14 -27.20
C GLU E 174 20.05 -7.01 -27.94
N ALA E 175 18.94 -7.32 -28.60
CA ALA E 175 18.22 -6.30 -29.32
C ALA E 175 17.67 -5.24 -28.34
N ILE E 176 17.20 -5.67 -27.17
CA ILE E 176 16.76 -4.74 -26.11
C ILE E 176 17.96 -3.86 -25.72
N GLU E 177 19.09 -4.46 -25.37
CA GLU E 177 20.25 -3.69 -24.95
C GLU E 177 20.69 -2.69 -26.03
N LYS E 178 20.77 -3.13 -27.29
CA LYS E 178 21.16 -2.22 -28.36
C LYS E 178 20.10 -1.11 -28.59
N THR E 179 18.82 -1.45 -28.50
CA THR E 179 17.76 -0.45 -28.63
C THR E 179 17.88 0.65 -27.55
N TYR E 180 18.11 0.23 -26.32
CA TYR E 180 18.22 1.21 -25.24
C TYR E 180 19.54 1.99 -25.28
N ASP E 181 20.64 1.37 -25.72
CA ASP E 181 21.89 2.11 -25.90
C ASP E 181 21.63 3.33 -26.78
N GLU E 182 20.92 3.14 -27.88
CA GLU E 182 20.62 4.24 -28.79
C GLU E 182 19.54 5.17 -28.27
N LEU E 183 18.47 4.60 -27.74
CA LEU E 183 17.32 5.38 -27.31
C LEU E 183 17.73 6.41 -26.25
N LEU E 184 18.39 5.94 -25.20
CA LEU E 184 18.73 6.79 -24.04
C LEU E 184 19.57 8.00 -24.45
N ALA E 185 20.26 7.89 -25.59
CA ALA E 185 21.06 8.98 -26.15
C ALA E 185 20.46 9.53 -27.46
N HIS E 186 19.14 9.80 -27.46
CA HIS E 186 18.43 10.42 -28.60
C HIS E 186 17.67 11.66 -28.12
N SER E 187 17.69 12.72 -28.91
CA SER E 187 17.14 14.01 -28.50
C SER E 187 15.65 13.92 -28.13
N SER E 188 14.87 13.29 -29.00
CA SER E 188 13.44 13.07 -28.75
C SER E 188 13.15 12.34 -27.45
N TYR E 189 13.98 11.36 -27.10
CA TYR E 189 13.87 10.67 -25.81
C TYR E 189 14.12 11.66 -24.65
N LYS E 190 15.22 12.40 -24.71
CA LYS E 190 15.55 13.40 -23.68
C LYS E 190 14.41 14.39 -23.50
N GLU E 191 13.79 14.79 -24.61
CA GLU E 191 12.64 15.71 -24.58
C GLU E 191 11.39 15.07 -23.96
N LEU E 192 11.13 13.79 -24.26
CA LEU E 192 10.02 13.06 -23.67
C LEU E 192 10.12 13.09 -22.14
N MSE E 193 11.34 12.98 -21.62
CA MSE E 193 11.58 12.93 -20.18
C MSE E 193 11.40 14.26 -19.47
O MSE E 193 11.49 14.31 -18.24
CB MSE E 193 13.00 12.41 -19.89
CG MSE E 193 13.23 10.98 -20.36
SE MSE E 193 11.83 9.67 -19.81
CE MSE E 193 10.46 9.88 -21.28
N THR E 194 11.14 15.32 -20.22
CA THR E 194 10.84 16.62 -19.63
C THR E 194 9.36 16.75 -19.30
N PHE E 195 8.52 15.93 -19.91
CA PHE E 195 7.07 15.95 -19.64
C PHE E 195 6.40 14.59 -19.39
N ALA E 196 7.19 13.52 -19.29
CA ALA E 196 6.66 12.19 -18.98
C ALA E 196 7.53 11.53 -17.92
N LYS E 197 6.91 10.91 -16.93
CA LYS E 197 7.60 10.18 -15.87
C LYS E 197 7.34 8.68 -16.02
N VAL E 198 8.36 7.90 -16.39
CA VAL E 198 8.22 6.44 -16.43
C VAL E 198 8.04 5.96 -15.00
N ASN E 199 6.96 5.24 -14.73
CA ASN E 199 6.70 4.66 -13.40
C ASN E 199 6.79 3.14 -13.34
N MSE E 200 7.08 2.52 -14.48
CA MSE E 200 7.27 1.09 -14.54
C MSE E 200 7.92 0.67 -15.89
O MSE E 200 7.64 1.25 -16.95
CB MSE E 200 5.93 0.39 -14.34
CG MSE E 200 6.01 -1.12 -14.45
SE MSE E 200 5.29 -1.74 -16.17
CE MSE E 200 3.45 -1.99 -15.56
N ARG E 201 8.81 -0.30 -15.83
CA ARG E 201 9.35 -0.92 -17.03
C ARG E 201 9.64 -2.37 -16.70
N ASN E 202 9.13 -3.31 -17.50
CA ASN E 202 9.32 -4.73 -17.17
C ASN E 202 9.43 -5.59 -18.43
N ILE E 203 10.05 -6.77 -18.30
CA ILE E 203 10.29 -7.64 -19.44
C ILE E 203 9.41 -8.85 -19.30
N ILE E 204 8.73 -9.26 -20.38
CA ILE E 204 7.92 -10.47 -20.41
C ILE E 204 8.63 -11.47 -21.32
N LYS E 205 8.76 -12.72 -20.86
CA LYS E 205 9.33 -13.83 -21.67
C LYS E 205 8.19 -14.59 -22.29
N ILE E 206 8.10 -14.58 -23.63
CA ILE E 206 7.03 -15.32 -24.28
C ILE E 206 7.20 -16.81 -24.03
N LEU E 207 6.11 -17.43 -23.57
CA LEU E 207 6.04 -18.87 -23.30
C LEU E 207 5.27 -19.51 -24.46
CL CL F . -24.17 -5.34 1.78
CL CL G . -17.76 15.95 7.79
CL CL H . 24.68 5.64 1.40
CL CL I . 21.67 8.28 8.41
CL CL J . 16.30 -10.33 15.87
CL CL K . 11.27 3.26 -22.21
#